data_5D3Q
#
_entry.id   5D3Q
#
_cell.length_a   44.220
_cell.length_b   49.960
_cell.length_c   82.520
_cell.angle_alpha   99.40
_cell.angle_beta   87.18
_cell.angle_gamma   105.18
#
_symmetry.space_group_name_H-M   'P 1'
#
loop_
_entity.id
_entity.type
_entity.pdbx_description
1 polymer Dynamin-1,Dynamin-1
2 non-polymer "GUANOSINE-5'-DIPHOSPHATE"
3 non-polymer 1,2-ETHANEDIOL
4 water water
#
_entity_poly.entity_id   1
_entity_poly.type   'polypeptide(L)'
_entity_poly.pdbx_seq_one_letter_code
;GMEDLIPLVNRLQDAFSAIGQNADLDLPQIAVVGGQSAGKSSVLENFVGRDFLPRGSGIVTRRPLVLQLVNATTEYAEFL
HCKGKKFTDFEEVRLEIEAETDRVTGTNKGISPVPINLRVYSPHVLNLTLVDLPGMTKVPVGDQPPDIEFQIRDMLMQFV
TKENCLILAVSPANSDLANSDALKVAKEVDPQGQRTIGVITKLDLMDEGTDARDVLENKLLPLRRGYIGVVNRSQKDIDG
KKDITAALAAERKFFLSHPSYRHLADRMGTPYLQKVLNQQLTNHIRDTLPGLRNKLQSQLLSIEKEVEEYKNFRPDKHGT
DSRVDEMLRMYHALKEALSIIGDIN
;
_entity_poly.pdbx_strand_id   A,B
#
loop_
_chem_comp.id
_chem_comp.type
_chem_comp.name
_chem_comp.formula
EDO non-polymer 1,2-ETHANEDIOL 'C2 H6 O2'
GDP RNA linking GUANOSINE-5'-DIPHOSPHATE 'C10 H15 N5 O11 P2'
#
# COMPACT_ATOMS: atom_id res chain seq x y z
N GLY A 1 -35.69 9.27 0.77
CA GLY A 1 -36.39 9.89 -0.34
C GLY A 1 -37.12 8.86 -1.16
N MET A 2 -37.04 9.00 -2.48
CA MET A 2 -37.93 8.32 -3.39
C MET A 2 -37.13 7.45 -4.37
N GLU A 3 -37.82 6.44 -4.88
CA GLU A 3 -37.25 5.53 -5.86
C GLU A 3 -37.00 6.18 -7.22
N ASP A 4 -37.40 7.42 -7.42
CA ASP A 4 -37.08 8.09 -8.66
C ASP A 4 -35.70 8.74 -8.63
N LEU A 5 -35.04 8.75 -7.48
CA LEU A 5 -33.90 9.65 -7.30
C LEU A 5 -32.66 9.14 -8.02
N ILE A 6 -32.33 7.86 -7.86
CA ILE A 6 -31.21 7.31 -8.61
C ILE A 6 -31.40 7.46 -10.11
N PRO A 7 -32.58 7.11 -10.70
CA PRO A 7 -32.73 7.33 -12.16
C PRO A 7 -32.62 8.77 -12.56
N LEU A 8 -33.16 9.68 -11.72
CA LEU A 8 -32.98 11.09 -12.02
C LEU A 8 -31.51 11.41 -12.20
N VAL A 9 -30.69 10.95 -11.26
CA VAL A 9 -29.28 11.33 -11.35
C VAL A 9 -28.60 10.59 -12.49
N ASN A 10 -29.09 9.41 -12.88
CA ASN A 10 -28.57 8.75 -14.07
C ASN A 10 -28.73 9.66 -15.28
N ARG A 11 -29.89 10.33 -15.38
CA ARG A 11 -30.11 11.20 -16.51
C ARG A 11 -29.21 12.41 -16.44
N LEU A 12 -28.99 12.93 -15.23
CA LEU A 12 -27.98 13.99 -15.07
C LEU A 12 -26.62 13.51 -15.53
N GLN A 13 -26.23 12.30 -15.08
CA GLN A 13 -24.94 11.77 -15.51
C GLN A 13 -24.86 11.64 -17.03
N ASP A 14 -25.95 11.20 -17.68
CA ASP A 14 -25.92 11.10 -19.15
C ASP A 14 -25.80 12.47 -19.82
N ALA A 15 -26.52 13.47 -19.29
CA ALA A 15 -26.47 14.81 -19.86
C ALA A 15 -25.06 15.36 -19.83
N PHE A 16 -24.36 15.17 -18.71
CA PHE A 16 -23.02 15.73 -18.60
C PHE A 16 -22.00 14.84 -19.28
N SER A 17 -22.21 13.53 -19.29
CA SER A 17 -21.27 12.67 -19.98
CA SER A 17 -21.28 12.66 -19.98
C SER A 17 -21.35 12.85 -21.49
N ALA A 18 -22.52 13.27 -21.99
CA ALA A 18 -22.62 13.56 -23.42
C ALA A 18 -21.65 14.64 -23.89
N ILE A 19 -21.22 15.52 -23.00
CA ILE A 19 -20.23 16.54 -23.33
C ILE A 19 -18.92 16.25 -22.62
N GLY A 20 -18.78 15.03 -22.11
CA GLY A 20 -17.51 14.57 -21.57
C GLY A 20 -17.23 15.05 -20.17
N GLN A 21 -18.27 15.32 -19.38
CA GLN A 21 -18.15 15.96 -18.08
C GLN A 21 -18.78 15.09 -17.01
N ASN A 22 -18.26 15.20 -15.79
CA ASN A 22 -18.94 14.62 -14.64
C ASN A 22 -18.40 15.25 -13.35
N ALA A 23 -17.09 15.15 -13.16
CA ALA A 23 -16.52 15.45 -11.85
C ALA A 23 -16.75 16.88 -11.45
N ASP A 24 -16.64 17.82 -12.40
CA ASP A 24 -16.82 19.21 -12.05
C ASP A 24 -18.24 19.57 -11.68
N LEU A 25 -19.21 18.70 -11.90
CA LEU A 25 -20.56 19.10 -11.57
C LEU A 25 -20.98 18.74 -10.15
N ASP A 26 -20.15 18.05 -9.37
CA ASP A 26 -20.50 17.74 -7.96
C ASP A 26 -21.85 17.02 -7.87
N LEU A 27 -22.05 16.02 -8.71
CA LEU A 27 -23.32 15.26 -8.70
C LEU A 27 -23.34 14.37 -7.45
N PRO A 28 -24.51 14.13 -6.84
CA PRO A 28 -24.58 13.14 -5.76
C PRO A 28 -24.45 11.73 -6.30
N GLN A 29 -23.31 11.11 -6.03
CA GLN A 29 -23.00 9.83 -6.65
C GLN A 29 -22.00 9.13 -5.75
N ILE A 30 -21.80 7.85 -6.02
CA ILE A 30 -20.83 7.04 -5.28
C ILE A 30 -19.63 6.84 -6.18
N ALA A 31 -18.45 7.20 -5.70
CA ALA A 31 -17.25 6.91 -6.45
C ALA A 31 -16.59 5.75 -5.77
N VAL A 32 -16.12 4.78 -6.54
CA VAL A 32 -15.53 3.58 -5.99
C VAL A 32 -14.03 3.74 -6.14
N VAL A 33 -13.32 3.72 -5.00
CA VAL A 33 -11.87 3.92 -5.05
C VAL A 33 -11.18 2.81 -4.31
N GLY A 34 -10.02 2.47 -4.82
CA GLY A 34 -9.22 1.48 -4.11
C GLY A 34 -7.87 1.45 -4.78
N GLY A 35 -6.94 0.79 -4.08
CA GLY A 35 -5.72 0.35 -4.72
C GLY A 35 -6.03 -0.64 -5.82
N GLN A 36 -5.16 -0.70 -6.82
CA GLN A 36 -5.27 -1.78 -7.78
C GLN A 36 -5.34 -3.12 -7.05
N SER A 37 -6.22 -3.97 -7.59
CA SER A 37 -6.47 -5.32 -7.11
C SER A 37 -7.18 -5.37 -5.76
N ALA A 38 -7.71 -4.25 -5.27
CA ALA A 38 -8.44 -4.31 -3.98
C ALA A 38 -9.66 -5.18 -4.08
N GLY A 39 -10.21 -5.35 -5.27
CA GLY A 39 -11.41 -6.16 -5.44
C GLY A 39 -12.60 -5.37 -5.97
N LYS A 40 -12.36 -4.18 -6.55
CA LYS A 40 -13.44 -3.31 -7.01
C LYS A 40 -14.22 -3.93 -8.15
N SER A 41 -13.52 -4.40 -9.22
CA SER A 41 -14.21 -5.00 -10.36
CA SER A 41 -14.29 -4.93 -10.33
C SER A 41 -15.06 -6.17 -9.90
N SER A 42 -14.54 -6.90 -8.93
CA SER A 42 -15.27 -8.06 -8.42
C SER A 42 -16.58 -7.65 -7.78
N VAL A 43 -16.55 -6.59 -6.98
CA VAL A 43 -17.78 -6.10 -6.35
C VAL A 43 -18.80 -5.73 -7.40
N LEU A 44 -18.37 -4.97 -8.43
CA LEU A 44 -19.29 -4.52 -9.46
C LEU A 44 -19.87 -5.70 -10.23
N GLU A 45 -19.01 -6.65 -10.60
CA GLU A 45 -19.52 -7.81 -11.34
C GLU A 45 -20.44 -8.64 -10.46
N ASN A 46 -20.20 -8.70 -9.15
CA ASN A 46 -21.16 -9.35 -8.26
C ASN A 46 -22.51 -8.65 -8.32
N PHE A 47 -22.52 -7.31 -8.27
CA PHE A 47 -23.78 -6.59 -8.35
C PHE A 47 -24.53 -6.95 -9.64
N VAL A 48 -23.79 -6.99 -10.76
CA VAL A 48 -24.44 -7.17 -12.06
C VAL A 48 -24.84 -8.63 -12.24
N GLY A 49 -24.05 -9.54 -11.69
CA GLY A 49 -24.32 -10.95 -11.81
C GLY A 49 -23.68 -11.61 -13.00
N ARG A 50 -22.91 -10.86 -13.79
CA ARG A 50 -22.19 -11.35 -14.94
C ARG A 50 -20.84 -10.69 -15.00
N ASP A 51 -19.90 -11.41 -15.60
CA ASP A 51 -18.63 -10.83 -15.96
C ASP A 51 -18.83 -9.82 -17.07
N PHE A 52 -18.30 -8.62 -16.89
CA PHE A 52 -18.39 -7.68 -18.00
C PHE A 52 -17.26 -6.66 -17.99
N LEU A 53 -16.34 -6.69 -16.97
CA LEU A 53 -15.29 -5.70 -16.87
C LEU A 53 -13.95 -6.23 -17.37
N PRO A 54 -13.15 -5.38 -18.00
CA PRO A 54 -11.83 -5.81 -18.46
C PRO A 54 -11.02 -6.43 -17.33
N ARG A 55 -10.33 -7.52 -17.65
CA ARG A 55 -9.43 -8.23 -16.75
CA ARG A 55 -9.41 -8.16 -16.71
C ARG A 55 -8.05 -8.29 -17.37
N GLY A 56 -7.05 -8.59 -16.55
CA GLY A 56 -5.70 -8.68 -17.03
C GLY A 56 -4.78 -7.69 -16.35
N SER A 57 -3.51 -7.79 -16.70
CA SER A 57 -2.44 -7.12 -15.98
C SER A 57 -2.41 -5.63 -16.27
N GLY A 58 -1.87 -4.88 -15.32
CA GLY A 58 -1.69 -3.46 -15.48
C GLY A 58 -2.97 -2.67 -15.21
N ILE A 59 -3.00 -1.47 -15.79
CA ILE A 59 -4.07 -0.52 -15.55
C ILE A 59 -5.02 -0.66 -16.75
N VAL A 60 -5.95 -1.60 -16.66
CA VAL A 60 -6.75 -1.98 -17.83
C VAL A 60 -7.84 -0.96 -18.09
N THR A 61 -8.35 -0.29 -17.06
CA THR A 61 -9.33 0.78 -17.25
C THR A 61 -8.70 2.09 -16.83
N ARG A 62 -8.89 3.10 -17.65
CA ARG A 62 -8.17 4.35 -17.47
C ARG A 62 -9.09 5.55 -17.60
N ARG A 63 -10.40 5.32 -17.56
CA ARG A 63 -11.44 6.33 -17.51
C ARG A 63 -12.45 5.97 -16.44
N PRO A 64 -13.21 6.93 -15.94
CA PRO A 64 -14.32 6.58 -15.03
C PRO A 64 -15.33 5.77 -15.79
N LEU A 65 -15.89 4.79 -15.11
CA LEU A 65 -17.02 4.04 -15.67
C LEU A 65 -18.22 4.39 -14.82
N VAL A 66 -19.17 5.14 -15.39
CA VAL A 66 -20.41 5.45 -14.69
C VAL A 66 -21.34 4.27 -14.93
N LEU A 67 -21.46 3.42 -13.92
CA LEU A 67 -22.14 2.15 -14.04
C LEU A 67 -23.52 2.30 -13.42
N GLN A 68 -24.56 2.23 -14.24
CA GLN A 68 -25.91 2.55 -13.79
C GLN A 68 -26.72 1.27 -13.85
N LEU A 69 -27.00 0.71 -12.67
CA LEU A 69 -27.76 -0.54 -12.54
C LEU A 69 -29.21 -0.14 -12.34
N VAL A 70 -30.08 -0.68 -13.20
CA VAL A 70 -31.47 -0.27 -13.23
C VAL A 70 -32.30 -1.52 -13.16
N ASN A 71 -33.08 -1.65 -12.08
CA ASN A 71 -34.00 -2.79 -12.01
C ASN A 71 -35.00 -2.69 -13.14
N ALA A 72 -35.15 -3.79 -13.89
CA ALA A 72 -36.02 -3.82 -15.07
C ALA A 72 -36.54 -5.23 -15.26
N THR A 73 -37.58 -5.36 -16.11
CA THR A 73 -38.10 -6.70 -16.36
C THR A 73 -37.18 -7.50 -17.26
N THR A 74 -36.43 -6.82 -18.13
CA THR A 74 -35.53 -7.46 -19.07
C THR A 74 -34.09 -7.15 -18.68
N GLU A 75 -33.16 -7.91 -19.24
CA GLU A 75 -31.76 -7.73 -18.90
C GLU A 75 -30.92 -7.40 -20.14
N TYR A 76 -30.31 -6.22 -20.12
CA TYR A 76 -29.46 -5.83 -21.23
C TYR A 76 -28.66 -4.61 -20.78
N ALA A 77 -27.72 -4.22 -21.63
CA ALA A 77 -26.85 -3.10 -21.31
C ALA A 77 -26.85 -2.13 -22.48
N GLU A 78 -26.66 -0.87 -22.16
CA GLU A 78 -26.60 0.19 -23.15
C GLU A 78 -25.43 1.10 -22.78
N PHE A 79 -24.62 1.48 -23.77
CA PHE A 79 -23.64 2.54 -23.59
C PHE A 79 -24.19 3.85 -24.13
N LEU A 80 -23.92 4.95 -23.41
CA LEU A 80 -24.43 6.25 -23.86
C LEU A 80 -23.86 6.61 -25.23
N HIS A 81 -22.61 6.25 -25.47
CA HIS A 81 -21.98 6.64 -26.72
C HIS A 81 -22.32 5.70 -27.85
N CYS A 82 -23.15 4.71 -27.61
CA CYS A 82 -23.52 3.76 -28.66
C CYS A 82 -25.04 3.74 -28.72
N LYS A 83 -25.60 4.86 -29.18
CA LYS A 83 -27.04 5.07 -29.15
C LYS A 83 -27.74 4.00 -29.98
N GLY A 84 -28.82 3.45 -29.42
CA GLY A 84 -29.61 2.44 -30.09
C GLY A 84 -29.28 1.01 -29.71
N LYS A 85 -28.00 0.70 -29.51
CA LYS A 85 -27.57 -0.69 -29.42
C LYS A 85 -27.87 -1.25 -28.03
N LYS A 86 -28.47 -2.41 -27.98
CA LYS A 86 -28.66 -3.13 -26.74
C LYS A 86 -27.72 -4.33 -26.72
N PHE A 87 -26.89 -4.39 -25.69
CA PHE A 87 -25.90 -5.46 -25.54
C PHE A 87 -26.53 -6.53 -24.67
N THR A 88 -26.58 -7.75 -25.18
CA THR A 88 -26.94 -8.88 -24.34
C THR A 88 -25.77 -9.81 -24.12
N ASP A 89 -24.72 -9.69 -24.92
CA ASP A 89 -23.51 -10.46 -24.68
C ASP A 89 -22.60 -9.57 -23.85
N PHE A 90 -22.49 -9.85 -22.54
CA PHE A 90 -21.64 -9.04 -21.66
C PHE A 90 -20.16 -9.16 -21.96
N GLU A 91 -19.79 -10.11 -22.82
CA GLU A 91 -18.44 -10.13 -23.36
C GLU A 91 -18.24 -9.01 -24.36
N GLU A 92 -19.27 -8.66 -25.12
CA GLU A 92 -19.18 -7.48 -25.98
C GLU A 92 -19.22 -6.21 -25.16
N VAL A 93 -19.92 -6.24 -24.01
CA VAL A 93 -19.87 -5.10 -23.09
C VAL A 93 -18.43 -4.87 -22.67
N ARG A 94 -17.73 -5.93 -22.29
CA ARG A 94 -16.35 -5.77 -21.87
C ARG A 94 -15.47 -5.27 -23.00
N LEU A 95 -15.63 -5.84 -24.21
CA LEU A 95 -14.85 -5.36 -25.36
C LEU A 95 -15.11 -3.89 -25.65
N GLU A 96 -16.34 -3.43 -25.45
CA GLU A 96 -16.64 -2.02 -25.70
C GLU A 96 -15.94 -1.12 -24.69
N ILE A 97 -15.88 -1.54 -23.42
CA ILE A 97 -15.12 -0.75 -22.44
C ILE A 97 -13.66 -0.70 -22.81
N GLU A 98 -13.12 -1.84 -23.23
CA GLU A 98 -11.71 -1.88 -23.62
C GLU A 98 -11.45 -0.95 -24.79
N ALA A 99 -12.39 -0.89 -25.72
CA ALA A 99 -12.26 -0.03 -26.89
C ALA A 99 -12.30 1.44 -26.52
N GLU A 100 -13.14 1.80 -25.54
CA GLU A 100 -13.23 3.18 -25.09
C GLU A 100 -12.00 3.62 -24.31
N THR A 101 -11.39 2.70 -23.57
CA THR A 101 -10.14 3.02 -22.90
C THR A 101 -9.04 3.27 -23.92
N ASP A 102 -8.96 2.44 -24.96
CA ASP A 102 -7.90 2.58 -25.96
C ASP A 102 -8.09 3.83 -26.79
N ARG A 103 -9.35 4.17 -27.09
CA ARG A 103 -9.61 5.24 -28.04
C ARG A 103 -9.21 6.61 -27.48
N VAL A 104 -9.24 6.79 -26.17
CA VAL A 104 -9.00 8.09 -25.53
C VAL A 104 -7.62 8.14 -24.88
N THR A 105 -7.11 6.98 -24.41
CA THR A 105 -5.84 6.97 -23.70
C THR A 105 -4.80 6.00 -24.27
N GLY A 106 -5.05 5.35 -25.41
CA GLY A 106 -4.17 4.27 -25.81
C GLY A 106 -2.80 4.70 -26.33
N THR A 107 -2.66 5.95 -26.74
CA THR A 107 -1.35 6.42 -27.16
C THR A 107 -0.45 6.69 -25.96
N ASN A 108 -0.91 7.56 -25.05
CA ASN A 108 -0.13 7.93 -23.87
C ASN A 108 -0.07 6.80 -22.83
N LYS A 109 -1.05 5.90 -22.86
CA LYS A 109 -1.33 4.97 -21.76
C LYS A 109 -1.61 5.74 -20.45
N GLY A 110 -2.17 6.94 -20.59
CA GLY A 110 -2.50 7.78 -19.46
C GLY A 110 -3.92 7.59 -18.99
N ILE A 111 -4.38 8.57 -18.22
CA ILE A 111 -5.67 8.56 -17.53
C ILE A 111 -6.49 9.70 -18.11
N SER A 112 -7.78 9.48 -18.26
CA SER A 112 -8.69 10.54 -18.65
C SER A 112 -9.88 10.59 -17.70
N PRO A 113 -10.36 11.79 -17.33
CA PRO A 113 -11.57 11.87 -16.50
C PRO A 113 -12.87 11.76 -17.28
N VAL A 114 -12.79 11.59 -18.58
CA VAL A 114 -13.98 11.58 -19.44
C VAL A 114 -14.73 10.29 -19.21
N PRO A 115 -15.94 10.36 -18.69
CA PRO A 115 -16.63 9.14 -18.28
C PRO A 115 -17.12 8.29 -19.44
N ILE A 116 -17.17 6.99 -19.17
CA ILE A 116 -17.89 6.04 -20.00
C ILE A 116 -19.18 5.75 -19.24
N ASN A 117 -20.32 5.90 -19.90
CA ASN A 117 -21.60 5.68 -19.22
C ASN A 117 -22.19 4.36 -19.70
N LEU A 118 -22.41 3.45 -18.76
CA LEU A 118 -22.86 2.10 -19.05
C LEU A 118 -24.07 1.84 -18.18
N ARG A 119 -25.20 1.55 -18.80
CA ARG A 119 -26.41 1.27 -18.05
C ARG A 119 -26.71 -0.20 -18.23
N VAL A 120 -26.96 -0.88 -17.11
CA VAL A 120 -27.26 -2.29 -17.09
C VAL A 120 -28.67 -2.42 -16.51
N TYR A 121 -29.61 -2.79 -17.37
CA TYR A 121 -30.97 -3.14 -16.96
C TYR A 121 -31.03 -4.61 -16.62
N SER A 122 -31.74 -4.92 -15.54
CA SER A 122 -31.78 -6.30 -15.05
C SER A 122 -32.87 -6.47 -13.99
N PRO A 123 -33.53 -7.63 -13.97
CA PRO A 123 -34.40 -8.00 -12.83
C PRO A 123 -33.63 -8.35 -11.57
N HIS A 124 -32.33 -8.53 -11.66
CA HIS A 124 -31.50 -9.04 -10.57
C HIS A 124 -30.76 -7.94 -9.81
N VAL A 125 -31.00 -6.66 -10.13
CA VAL A 125 -30.29 -5.57 -9.47
C VAL A 125 -31.28 -4.65 -8.77
N LEU A 126 -30.82 -4.04 -7.69
CA LEU A 126 -31.49 -2.83 -7.24
C LEU A 126 -31.02 -1.67 -8.13
N ASN A 127 -31.84 -0.62 -8.18
CA ASN A 127 -31.35 0.67 -8.67
C ASN A 127 -30.09 1.07 -7.89
N LEU A 128 -28.97 1.22 -8.60
CA LEU A 128 -27.73 1.59 -7.93
C LEU A 128 -26.78 2.08 -9.00
N THR A 129 -26.14 3.22 -8.74
CA THR A 129 -25.15 3.71 -9.67
C THR A 129 -23.86 3.92 -8.93
N LEU A 130 -22.78 3.51 -9.56
CA LEU A 130 -21.46 3.72 -8.99
C LEU A 130 -20.54 4.21 -10.08
N VAL A 131 -19.64 5.12 -9.70
CA VAL A 131 -18.67 5.66 -10.65
C VAL A 131 -17.37 4.97 -10.30
N ASP A 132 -17.03 3.98 -11.09
CA ASP A 132 -15.83 3.20 -10.81
C ASP A 132 -14.63 3.99 -11.31
N LEU A 133 -13.63 4.16 -10.45
CA LEU A 133 -12.45 4.94 -10.85
C LEU A 133 -11.22 4.06 -10.86
N PRO A 134 -10.28 4.31 -11.75
CA PRO A 134 -9.12 3.43 -11.85
C PRO A 134 -8.41 3.25 -10.51
N GLY A 135 -7.95 2.02 -10.28
CA GLY A 135 -7.30 1.73 -8.98
C GLY A 135 -5.93 2.39 -8.86
N MET A 136 -5.58 2.78 -7.65
CA MET A 136 -4.31 3.47 -7.37
C MET A 136 -3.14 2.52 -7.48
N THR A 137 -1.96 3.07 -7.78
CA THR A 137 -0.77 2.25 -7.93
C THR A 137 0.41 3.07 -7.42
N LYS A 138 1.53 2.44 -7.30
CA LYS A 138 2.73 3.13 -6.77
CA LYS A 138 2.73 3.12 -6.76
C LYS A 138 3.92 3.03 -7.69
N VAL A 139 4.10 1.91 -8.37
CA VAL A 139 5.31 1.71 -9.16
C VAL A 139 4.89 1.49 -10.60
N PRO A 140 5.31 2.32 -11.54
CA PRO A 140 5.00 2.05 -12.93
C PRO A 140 5.63 0.74 -13.36
N VAL A 141 4.89 -0.03 -14.14
CA VAL A 141 5.33 -1.32 -14.68
C VAL A 141 5.20 -1.26 -16.19
N GLY A 142 6.10 -1.97 -16.88
CA GLY A 142 5.96 -2.13 -18.32
C GLY A 142 5.95 -0.80 -19.04
N ASP A 143 4.91 -0.59 -19.85
CA ASP A 143 4.79 0.61 -20.67
C ASP A 143 4.08 1.75 -19.97
N GLN A 144 3.84 1.64 -18.66
CA GLN A 144 3.12 2.70 -18.00
C GLN A 144 4.01 3.95 -17.92
N PRO A 145 3.40 5.11 -17.95
CA PRO A 145 4.18 6.36 -17.83
C PRO A 145 4.71 6.54 -16.43
N PRO A 146 5.77 7.30 -16.26
CA PRO A 146 6.39 7.37 -14.95
C PRO A 146 5.53 8.02 -13.93
N ASP A 147 4.55 8.80 -14.34
CA ASP A 147 3.67 9.49 -13.39
C ASP A 147 2.33 8.81 -13.27
N ILE A 148 2.27 7.52 -13.61
CA ILE A 148 0.96 6.86 -13.65
C ILE A 148 0.28 6.94 -12.29
N GLU A 149 1.04 6.89 -11.18
CA GLU A 149 0.40 6.97 -9.86
C GLU A 149 -0.38 8.26 -9.74
N PHE A 150 0.26 9.36 -10.14
CA PHE A 150 -0.30 10.66 -9.95
C PHE A 150 -1.39 10.95 -10.96
N GLN A 151 -1.27 10.39 -12.16
CA GLN A 151 -2.35 10.54 -13.13
C GLN A 151 -3.63 9.93 -12.58
N ILE A 152 -3.48 8.75 -11.99
CA ILE A 152 -4.64 8.06 -11.42
C ILE A 152 -5.16 8.81 -10.22
N ARG A 153 -4.26 9.17 -9.29
CA ARG A 153 -4.72 9.81 -8.05
C ARG A 153 -5.30 11.17 -8.33
N ASP A 154 -4.65 11.96 -9.19
CA ASP A 154 -5.18 13.27 -9.49
C ASP A 154 -6.58 13.17 -10.08
N MET A 155 -6.78 12.18 -10.93
CA MET A 155 -8.08 12.04 -11.58
C MET A 155 -9.12 11.62 -10.57
N LEU A 156 -8.79 10.67 -9.68
CA LEU A 156 -9.86 10.32 -8.75
C LEU A 156 -10.10 11.44 -7.76
N MET A 157 -9.08 12.26 -7.48
CA MET A 157 -9.29 13.37 -6.59
C MET A 157 -10.29 14.35 -7.17
N GLN A 158 -10.35 14.46 -8.52
CA GLN A 158 -11.32 15.37 -9.15
C GLN A 158 -12.72 14.96 -8.77
N PHE A 159 -12.94 13.66 -8.58
CA PHE A 159 -14.27 13.18 -8.16
C PHE A 159 -14.45 13.30 -6.67
N VAL A 160 -13.52 12.75 -5.88
CA VAL A 160 -13.84 12.62 -4.46
C VAL A 160 -13.61 13.86 -3.63
N THR A 161 -12.95 14.88 -4.16
CA THR A 161 -12.91 16.13 -3.44
C THR A 161 -14.25 16.83 -3.42
N LYS A 162 -15.18 16.42 -4.27
CA LYS A 162 -16.48 17.06 -4.38
C LYS A 162 -17.32 16.63 -3.20
N GLU A 163 -17.97 17.59 -2.54
CA GLU A 163 -18.66 17.28 -1.29
C GLU A 163 -19.86 16.33 -1.47
N ASN A 164 -20.45 16.26 -2.66
CA ASN A 164 -21.56 15.33 -2.83
C ASN A 164 -21.11 13.95 -3.29
N CYS A 165 -19.83 13.66 -3.26
CA CYS A 165 -19.35 12.36 -3.70
C CYS A 165 -19.27 11.45 -2.48
N LEU A 166 -20.14 10.47 -2.43
CA LEU A 166 -19.96 9.39 -1.47
C LEU A 166 -18.77 8.61 -1.96
N ILE A 167 -17.97 8.10 -1.03
CA ILE A 167 -16.77 7.37 -1.41
C ILE A 167 -16.94 5.94 -0.98
N LEU A 168 -16.92 5.03 -1.93
CA LEU A 168 -16.96 3.61 -1.57
C LEU A 168 -15.51 3.18 -1.56
N ALA A 169 -14.94 3.11 -0.36
CA ALA A 169 -13.51 2.91 -0.21
C ALA A 169 -13.30 1.42 -0.05
N VAL A 170 -12.70 0.79 -1.07
CA VAL A 170 -12.57 -0.66 -1.11
C VAL A 170 -11.17 -1.02 -0.66
N SER A 171 -11.05 -1.86 0.37
CA SER A 171 -9.71 -2.25 0.85
C SER A 171 -9.73 -3.74 1.10
N PRO A 172 -8.66 -4.44 0.81
CA PRO A 172 -8.62 -5.88 1.02
C PRO A 172 -8.30 -6.17 2.46
N ALA A 173 -8.94 -7.22 3.01
CA ALA A 173 -8.72 -7.52 4.41
C ALA A 173 -7.36 -8.09 4.72
N ASN A 174 -6.70 -8.61 3.71
CA ASN A 174 -5.42 -9.25 3.91
C ASN A 174 -4.28 -8.27 3.73
N SER A 175 -4.55 -7.09 4.23
CA SER A 175 -3.60 -6.01 4.28
C SER A 175 -3.91 -5.24 5.54
N ASP A 176 -2.90 -4.58 6.08
CA ASP A 176 -3.09 -3.65 7.17
C ASP A 176 -3.92 -2.47 6.67
N LEU A 177 -5.07 -2.20 7.32
CA LEU A 177 -5.95 -1.14 6.87
C LEU A 177 -5.24 0.20 6.89
N ALA A 178 -4.21 0.33 7.74
CA ALA A 178 -3.45 1.57 7.79
C ALA A 178 -2.65 1.79 6.51
N ASN A 179 -2.57 0.79 5.64
CA ASN A 179 -1.92 0.95 4.35
C ASN A 179 -2.92 1.16 3.21
N SER A 180 -4.20 1.35 3.52
CA SER A 180 -5.23 1.42 2.49
C SER A 180 -5.18 2.72 1.71
N ASP A 181 -4.94 2.58 0.39
CA ASP A 181 -5.05 3.70 -0.52
C ASP A 181 -6.43 4.32 -0.47
N ALA A 182 -7.48 3.49 -0.44
CA ALA A 182 -8.83 3.99 -0.44
C ALA A 182 -9.08 4.81 0.81
N LEU A 183 -8.72 4.27 1.96
CA LEU A 183 -9.06 5.01 3.16
C LEU A 183 -8.13 6.19 3.37
N LYS A 184 -6.90 6.16 2.82
CA LYS A 184 -6.08 7.37 2.86
C LYS A 184 -6.73 8.49 2.06
N VAL A 185 -7.17 8.20 0.83
CA VAL A 185 -7.87 9.18 0.02
C VAL A 185 -9.08 9.69 0.76
N ALA A 186 -9.87 8.78 1.31
CA ALA A 186 -11.09 9.21 1.97
C ALA A 186 -10.79 10.09 3.18
N LYS A 187 -9.74 9.78 3.94
CA LYS A 187 -9.47 10.62 5.10
C LYS A 187 -8.93 11.98 4.67
N GLU A 188 -8.24 12.04 3.53
CA GLU A 188 -7.78 13.34 3.03
C GLU A 188 -8.96 14.26 2.75
N VAL A 189 -9.95 13.75 2.03
CA VAL A 189 -11.03 14.61 1.55
C VAL A 189 -12.21 14.58 2.50
N ASP A 190 -12.28 13.58 3.38
CA ASP A 190 -13.44 13.39 4.26
C ASP A 190 -12.87 13.05 5.63
N PRO A 191 -12.18 13.98 6.26
CA PRO A 191 -11.45 13.62 7.49
C PRO A 191 -12.35 13.22 8.64
N GLN A 192 -13.60 13.67 8.70
CA GLN A 192 -14.48 13.20 9.77
C GLN A 192 -15.24 11.95 9.36
N GLY A 193 -14.95 11.40 8.18
CA GLY A 193 -15.53 10.10 7.90
C GLY A 193 -17.03 10.14 7.77
N GLN A 194 -17.59 11.21 7.18
CA GLN A 194 -19.03 11.35 7.05
C GLN A 194 -19.60 10.87 5.71
N ARG A 195 -18.78 10.75 4.65
CA ARG A 195 -19.30 10.37 3.33
C ARG A 195 -18.50 9.25 2.72
N THR A 196 -17.97 8.37 3.57
CA THR A 196 -17.13 7.26 3.15
C THR A 196 -17.75 6.00 3.68
N ILE A 197 -17.91 5.04 2.80
CA ILE A 197 -18.45 3.72 3.15
C ILE A 197 -17.34 2.73 2.89
N GLY A 198 -16.98 1.95 3.91
CA GLY A 198 -15.85 1.05 3.80
C GLY A 198 -16.31 -0.31 3.29
N VAL A 199 -15.61 -0.83 2.31
CA VAL A 199 -15.86 -2.19 1.84
C VAL A 199 -14.58 -2.93 2.11
N ILE A 200 -14.70 -4.05 2.80
CA ILE A 200 -13.56 -4.88 3.12
C ILE A 200 -13.71 -6.16 2.31
N THR A 201 -12.83 -6.35 1.34
CA THR A 201 -12.85 -7.54 0.50
C THR A 201 -11.88 -8.56 1.04
N LYS A 202 -11.86 -9.75 0.40
CA LYS A 202 -10.85 -10.75 0.62
C LYS A 202 -10.78 -11.21 2.07
N LEU A 203 -11.91 -11.22 2.80
CA LEU A 203 -11.88 -11.67 4.18
C LEU A 203 -11.49 -13.15 4.27
N ASP A 204 -11.72 -13.89 3.18
CA ASP A 204 -11.35 -15.30 3.15
C ASP A 204 -9.87 -15.51 3.05
N LEU A 205 -9.08 -14.46 2.81
CA LEU A 205 -7.65 -14.58 2.62
C LEU A 205 -6.86 -14.12 3.85
N MET A 206 -7.52 -13.76 4.95
CA MET A 206 -6.72 -13.27 6.08
C MET A 206 -5.87 -14.36 6.68
N ASP A 207 -4.73 -13.92 7.17
CA ASP A 207 -3.78 -14.78 7.86
C ASP A 207 -4.46 -15.50 9.01
N GLU A 208 -4.13 -16.76 9.18
CA GLU A 208 -4.61 -17.47 10.36
C GLU A 208 -4.18 -16.76 11.65
N GLY A 209 -5.10 -16.73 12.61
CA GLY A 209 -4.85 -16.02 13.84
C GLY A 209 -5.24 -14.57 13.81
N THR A 210 -5.78 -14.10 12.69
CA THR A 210 -6.17 -12.73 12.55
C THR A 210 -7.58 -12.68 12.01
N ASP A 211 -8.21 -11.52 12.20
CA ASP A 211 -9.51 -11.31 11.64
C ASP A 211 -9.69 -9.81 11.55
N ALA A 212 -10.77 -9.42 10.90
CA ALA A 212 -11.05 -8.00 10.70
C ALA A 212 -12.25 -7.58 11.53
N ARG A 213 -12.45 -8.23 12.69
CA ARG A 213 -13.61 -7.91 13.47
C ARG A 213 -13.57 -6.46 13.94
N ASP A 214 -12.41 -5.98 14.35
CA ASP A 214 -12.35 -4.60 14.83
C ASP A 214 -12.69 -3.62 13.71
N VAL A 215 -12.25 -3.92 12.49
CA VAL A 215 -12.58 -3.03 11.38
C VAL A 215 -14.08 -3.08 11.11
N LEU A 216 -14.61 -4.30 11.00
CA LEU A 216 -16.01 -4.45 10.60
C LEU A 216 -16.97 -4.01 11.69
N GLU A 217 -16.57 -4.07 12.94
CA GLU A 217 -17.40 -3.48 14.00
C GLU A 217 -17.25 -1.99 14.08
N ASN A 218 -16.54 -1.37 13.14
CA ASN A 218 -16.37 0.06 13.10
C ASN A 218 -15.55 0.62 14.25
N LYS A 219 -14.65 -0.17 14.78
CA LYS A 219 -13.85 0.25 15.92
C LYS A 219 -12.43 0.60 15.55
N LEU A 220 -11.85 -0.06 14.54
CA LEU A 220 -10.45 0.22 14.24
C LEU A 220 -10.28 1.62 13.66
N LEU A 221 -11.07 1.94 12.65
CA LEU A 221 -11.01 3.21 11.94
C LEU A 221 -12.47 3.58 11.70
N PRO A 222 -13.14 4.16 12.70
CA PRO A 222 -14.57 4.42 12.57
C PRO A 222 -14.89 5.28 11.36
N LEU A 223 -15.95 4.88 10.68
CA LEU A 223 -16.61 5.68 9.66
C LEU A 223 -18.07 5.80 10.03
N ARG A 224 -18.64 6.99 9.88
CA ARG A 224 -20.05 7.13 10.24
C ARG A 224 -20.93 6.07 9.57
N ARG A 225 -20.67 5.81 8.28
CA ARG A 225 -21.48 4.90 7.48
C ARG A 225 -21.01 3.44 7.59
N GLY A 226 -19.97 3.22 8.33
CA GLY A 226 -19.55 1.87 8.65
C GLY A 226 -18.84 1.15 7.52
N TYR A 227 -18.67 -0.14 7.75
CA TYR A 227 -17.93 -1.01 6.86
C TYR A 227 -18.77 -2.22 6.58
N ILE A 228 -18.66 -2.71 5.37
CA ILE A 228 -19.32 -3.93 4.96
CA ILE A 228 -19.32 -3.93 4.96
C ILE A 228 -18.27 -4.86 4.40
N GLY A 229 -18.23 -6.07 4.89
CA GLY A 229 -17.30 -7.03 4.37
C GLY A 229 -17.93 -7.84 3.26
N VAL A 230 -17.08 -8.28 2.33
CA VAL A 230 -17.56 -9.09 1.20
C VAL A 230 -16.53 -10.18 0.96
N VAL A 231 -16.97 -11.26 0.33
CA VAL A 231 -16.07 -12.33 -0.10
C VAL A 231 -16.38 -12.65 -1.55
N ASN A 232 -15.48 -12.26 -2.44
CA ASN A 232 -15.65 -12.41 -3.87
C ASN A 232 -14.92 -13.65 -4.34
N ARG A 233 -15.11 -13.97 -5.62
CA ARG A 233 -14.40 -15.11 -6.17
C ARG A 233 -12.89 -14.90 -6.14
N SER A 234 -12.18 -15.96 -5.77
CA SER A 234 -10.75 -16.02 -5.94
C SER A 234 -10.41 -16.00 -7.42
N GLN A 235 -9.13 -15.78 -7.70
CA GLN A 235 -8.71 -15.89 -9.10
C GLN A 235 -8.95 -17.31 -9.62
N LYS A 236 -8.70 -18.31 -8.79
CA LYS A 236 -8.98 -19.66 -9.26
C LYS A 236 -10.46 -19.86 -9.57
N ASP A 237 -11.34 -19.30 -8.73
CA ASP A 237 -12.77 -19.35 -9.03
C ASP A 237 -13.07 -18.60 -10.34
N ILE A 238 -12.46 -17.43 -10.56
CA ILE A 238 -12.71 -16.68 -11.80
C ILE A 238 -12.30 -17.52 -13.00
N ASP A 239 -11.11 -18.11 -12.93
CA ASP A 239 -10.61 -18.89 -14.07
C ASP A 239 -11.37 -20.19 -14.26
N GLY A 240 -11.90 -20.77 -13.17
CA GLY A 240 -12.79 -21.92 -13.23
C GLY A 240 -14.22 -21.58 -13.60
N LYS A 241 -14.50 -20.32 -13.91
CA LYS A 241 -15.84 -19.85 -14.26
C LYS A 241 -16.90 -20.25 -13.23
N LYS A 242 -16.52 -20.20 -11.95
CA LYS A 242 -17.53 -20.32 -10.90
C LYS A 242 -18.60 -19.27 -11.07
N ASP A 243 -19.86 -19.68 -10.93
CA ASP A 243 -20.91 -18.71 -11.19
C ASP A 243 -21.12 -17.83 -9.97
N ILE A 244 -21.66 -16.64 -10.22
CA ILE A 244 -21.85 -15.65 -9.16
C ILE A 244 -22.85 -16.16 -8.12
N THR A 245 -23.86 -16.94 -8.53
CA THR A 245 -24.80 -17.47 -7.55
C THR A 245 -24.08 -18.34 -6.52
N ALA A 246 -23.16 -19.17 -7.00
CA ALA A 246 -22.38 -20.02 -6.12
C ALA A 246 -21.43 -19.19 -5.29
N ALA A 247 -20.91 -18.11 -5.87
CA ALA A 247 -20.03 -17.24 -5.08
C ALA A 247 -20.79 -16.59 -3.93
N LEU A 248 -21.99 -16.07 -4.20
CA LEU A 248 -22.81 -15.41 -3.19
C LEU A 248 -23.17 -16.39 -2.10
N ALA A 249 -23.44 -17.63 -2.49
CA ALA A 249 -23.81 -18.60 -1.46
C ALA A 249 -22.62 -18.93 -0.57
N ALA A 250 -21.42 -19.01 -1.17
CA ALA A 250 -20.21 -19.20 -0.40
C ALA A 250 -19.93 -18.00 0.51
N GLU A 251 -20.21 -16.81 0.03
CA GLU A 251 -19.98 -15.64 0.87
C GLU A 251 -20.90 -15.64 2.09
N ARG A 252 -22.18 -15.97 1.88
CA ARG A 252 -23.12 -16.05 3.01
C ARG A 252 -22.68 -17.11 3.99
N LYS A 253 -22.23 -18.24 3.48
CA LYS A 253 -21.82 -19.31 4.37
C LYS A 253 -20.56 -18.90 5.12
N PHE A 254 -19.68 -18.14 4.48
CA PHE A 254 -18.50 -17.68 5.19
C PHE A 254 -18.88 -16.83 6.39
N PHE A 255 -19.79 -15.85 6.22
CA PHE A 255 -20.09 -14.95 7.32
C PHE A 255 -20.86 -15.66 8.40
N LEU A 256 -21.69 -16.63 8.01
CA LEU A 256 -22.43 -17.36 9.03
C LEU A 256 -21.56 -18.35 9.80
N SER A 257 -20.42 -18.74 9.21
CA SER A 257 -19.51 -19.74 9.78
C SER A 257 -18.35 -19.14 10.56
N HIS A 258 -17.94 -17.93 10.28
CA HIS A 258 -16.70 -17.45 10.84
C HIS A 258 -16.92 -16.97 12.26
N PRO A 259 -16.20 -17.51 13.24
CA PRO A 259 -16.43 -17.14 14.64
C PRO A 259 -16.27 -15.70 14.91
N SER A 260 -15.50 -14.97 14.10
CA SER A 260 -15.31 -13.58 14.40
C SER A 260 -16.35 -12.68 13.76
N TYR A 261 -17.15 -13.20 12.82
CA TYR A 261 -18.11 -12.40 12.06
C TYR A 261 -19.54 -12.86 12.18
N ARG A 262 -19.81 -14.05 12.74
CA ARG A 262 -21.15 -14.59 12.58
C ARG A 262 -22.19 -13.77 13.32
N HIS A 263 -21.78 -13.02 14.33
CA HIS A 263 -22.71 -12.11 14.98
C HIS A 263 -23.03 -10.88 14.15
N LEU A 264 -22.25 -10.59 13.09
CA LEU A 264 -22.43 -9.45 12.19
C LEU A 264 -23.00 -9.87 10.86
N ALA A 265 -23.26 -11.17 10.68
CA ALA A 265 -23.42 -11.70 9.34
C ALA A 265 -24.55 -11.01 8.58
N ASP A 266 -25.58 -10.52 9.27
CA ASP A 266 -26.66 -9.97 8.47
C ASP A 266 -26.39 -8.56 8.02
N ARG A 267 -25.27 -8.00 8.45
CA ARG A 267 -24.79 -6.72 7.96
C ARG A 267 -23.49 -6.92 7.19
N MET A 268 -23.35 -8.09 6.60
CA MET A 268 -22.19 -8.42 5.79
C MET A 268 -22.65 -8.99 4.48
N GLY A 269 -21.77 -8.92 3.49
CA GLY A 269 -21.92 -9.60 2.23
C GLY A 269 -22.47 -8.68 1.17
N THR A 270 -22.48 -9.19 -0.04
CA THR A 270 -22.72 -8.40 -1.23
C THR A 270 -24.19 -8.01 -1.38
N PRO A 271 -25.15 -8.87 -1.08
CA PRO A 271 -26.56 -8.42 -1.12
C PRO A 271 -26.84 -7.31 -0.13
N TYR A 272 -26.28 -7.40 1.09
CA TYR A 272 -26.46 -6.34 2.06
C TYR A 272 -25.83 -5.05 1.54
N LEU A 273 -24.61 -5.17 1.03
CA LEU A 273 -23.91 -4.00 0.49
C LEU A 273 -24.73 -3.31 -0.58
N GLN A 274 -25.31 -4.09 -1.49
CA GLN A 274 -26.14 -3.49 -2.55
C GLN A 274 -27.34 -2.77 -1.95
N LYS A 275 -28.01 -3.42 -0.98
CA LYS A 275 -29.14 -2.78 -0.32
C LYS A 275 -28.73 -1.51 0.40
N VAL A 276 -27.62 -1.56 1.14
CA VAL A 276 -27.18 -0.40 1.91
C VAL A 276 -26.81 0.74 0.97
N LEU A 277 -26.17 0.43 -0.15
CA LEU A 277 -25.74 1.49 -1.07
C LEU A 277 -26.95 2.08 -1.79
N ASN A 278 -27.92 1.24 -2.11
CA ASN A 278 -29.12 1.79 -2.71
C ASN A 278 -29.81 2.74 -1.74
N GLN A 279 -29.86 2.35 -0.46
CA GLN A 279 -30.54 3.19 0.51
C GLN A 279 -29.75 4.45 0.79
N GLN A 280 -28.42 4.35 1.00
CA GLN A 280 -27.69 5.55 1.34
C GLN A 280 -27.62 6.48 0.14
N LEU A 281 -27.52 5.91 -1.05
CA LEU A 281 -27.43 6.77 -2.23
C LEU A 281 -28.76 7.49 -2.47
N THR A 282 -29.87 6.77 -2.36
CA THR A 282 -31.17 7.42 -2.45
C THR A 282 -31.30 8.53 -1.41
N ASN A 283 -30.96 8.23 -0.14
CA ASN A 283 -31.07 9.25 0.90
C ASN A 283 -30.12 10.40 0.63
N HIS A 284 -28.95 10.09 0.08
CA HIS A 284 -27.95 11.12 -0.19
C HIS A 284 -28.44 12.07 -1.28
N ILE A 285 -29.00 11.52 -2.35
CA ILE A 285 -29.56 12.36 -3.40
C ILE A 285 -30.71 13.21 -2.87
N ARG A 286 -31.61 12.61 -2.07
CA ARG A 286 -32.64 13.43 -1.46
C ARG A 286 -32.05 14.61 -0.72
N ASP A 287 -31.00 14.38 0.07
CA ASP A 287 -30.49 15.44 0.92
C ASP A 287 -29.77 16.49 0.10
N THR A 288 -29.22 16.12 -1.03
CA THR A 288 -28.31 17.03 -1.73
C THR A 288 -28.88 17.57 -3.03
N LEU A 289 -29.99 17.01 -3.52
CA LEU A 289 -30.55 17.47 -4.78
C LEU A 289 -30.90 18.95 -4.76
N PRO A 290 -31.57 19.50 -3.74
CA PRO A 290 -31.82 20.95 -3.76
C PRO A 290 -30.57 21.79 -3.86
N GLY A 291 -29.53 21.44 -3.10
CA GLY A 291 -28.26 22.16 -3.20
C GLY A 291 -27.64 22.05 -4.57
N LEU A 292 -27.71 20.86 -5.17
CA LEU A 292 -27.20 20.67 -6.54
C LEU A 292 -27.88 21.62 -7.50
N ARG A 293 -29.20 21.69 -7.44
CA ARG A 293 -29.93 22.56 -8.37
C ARG A 293 -29.46 24.00 -8.25
N ASN A 294 -29.28 24.48 -7.03
CA ASN A 294 -28.71 25.82 -6.81
C ASN A 294 -27.31 25.93 -7.38
N LYS A 295 -26.44 24.95 -7.10
CA LYS A 295 -25.10 25.00 -7.68
C LYS A 295 -25.19 25.10 -9.19
N LEU A 296 -26.02 24.26 -9.79
CA LEU A 296 -26.08 24.21 -11.25
C LEU A 296 -26.66 25.49 -11.81
N GLN A 297 -27.72 26.02 -11.18
CA GLN A 297 -28.26 27.30 -11.58
C GLN A 297 -27.17 28.35 -11.59
N SER A 298 -26.44 28.45 -10.48
CA SER A 298 -25.40 29.48 -10.35
C SER A 298 -24.35 29.33 -11.44
N GLN A 299 -23.84 28.09 -11.63
CA GLN A 299 -22.96 27.79 -12.76
C GLN A 299 -23.57 28.22 -14.10
N LEU A 300 -24.87 28.00 -14.29
CA LEU A 300 -25.51 28.38 -15.55
C LEU A 300 -25.45 29.89 -15.78
N LEU A 301 -25.91 30.68 -14.81
CA LEU A 301 -25.93 32.13 -15.03
C LEU A 301 -24.54 32.72 -15.08
N SER A 302 -23.58 32.12 -14.36
CA SER A 302 -22.19 32.47 -14.57
C SER A 302 -21.79 32.29 -16.03
N ILE A 303 -22.20 31.17 -16.65
CA ILE A 303 -21.85 30.93 -18.04
C ILE A 303 -22.52 31.95 -18.96
N GLU A 304 -23.80 32.23 -18.71
CA GLU A 304 -24.55 33.11 -19.59
C GLU A 304 -23.87 34.47 -19.70
N LYS A 305 -23.52 35.07 -18.56
CA LYS A 305 -22.98 36.42 -18.61
C LYS A 305 -21.53 36.45 -19.05
N GLU A 306 -20.76 35.39 -18.77
CA GLU A 306 -19.41 35.32 -19.34
C GLU A 306 -19.50 35.18 -20.87
N VAL A 307 -20.50 34.46 -21.36
CA VAL A 307 -20.75 34.35 -22.80
C VAL A 307 -21.03 35.71 -23.41
N GLU A 308 -21.64 36.61 -22.65
CA GLU A 308 -21.84 38.00 -23.08
C GLU A 308 -20.52 38.70 -23.45
N ARG A 323 -12.25 26.93 -24.16
CA ARG A 323 -12.87 27.63 -25.28
C ARG A 323 -14.34 27.92 -24.99
N VAL A 324 -14.93 28.86 -25.73
CA VAL A 324 -16.35 29.14 -25.60
C VAL A 324 -17.19 28.02 -26.21
N ASP A 325 -16.63 27.25 -27.14
CA ASP A 325 -17.33 26.07 -27.63
C ASP A 325 -17.62 25.11 -26.50
N GLU A 326 -16.61 24.82 -25.67
CA GLU A 326 -16.82 24.01 -24.49
C GLU A 326 -17.78 24.69 -23.53
N MET A 327 -17.69 26.01 -23.42
CA MET A 327 -18.61 26.73 -22.56
C MET A 327 -20.04 26.60 -23.04
N LEU A 328 -20.28 26.70 -24.36
CA LEU A 328 -21.65 26.54 -24.85
C LEU A 328 -22.14 25.12 -24.66
N ARG A 329 -21.24 24.13 -24.83
CA ARG A 329 -21.66 22.76 -24.56
C ARG A 329 -22.11 22.64 -23.12
N MET A 330 -21.32 23.22 -22.21
CA MET A 330 -21.70 23.16 -20.80
C MET A 330 -23.02 23.88 -20.55
N TYR A 331 -23.19 25.03 -21.21
CA TYR A 331 -24.43 25.78 -21.07
C TYR A 331 -25.64 24.91 -21.39
N HIS A 332 -25.59 24.20 -22.50
CA HIS A 332 -26.76 23.41 -22.87
C HIS A 332 -26.91 22.21 -21.97
N ALA A 333 -25.79 21.63 -21.52
CA ALA A 333 -25.88 20.51 -20.58
C ALA A 333 -26.46 20.95 -19.25
N LEU A 334 -26.02 22.10 -18.73
CA LEU A 334 -26.59 22.63 -17.50
C LEU A 334 -28.09 22.87 -17.69
N LYS A 335 -28.48 23.51 -18.79
CA LYS A 335 -29.90 23.69 -19.02
C LYS A 335 -30.60 22.35 -19.05
N GLU A 336 -30.02 21.37 -19.75
CA GLU A 336 -30.64 20.05 -19.78
C GLU A 336 -30.78 19.48 -18.38
N ALA A 337 -29.75 19.66 -17.54
CA ALA A 337 -29.78 19.12 -16.18
C ALA A 337 -30.84 19.78 -15.33
N LEU A 338 -30.91 21.11 -15.37
CA LEU A 338 -31.95 21.82 -14.64
C LEU A 338 -33.34 21.43 -15.13
N SER A 339 -33.47 21.16 -16.43
CA SER A 339 -34.75 20.69 -16.94
C SER A 339 -35.07 19.30 -16.39
N ILE A 340 -34.06 18.44 -16.25
CA ILE A 340 -34.30 17.11 -15.68
C ILE A 340 -34.72 17.24 -14.22
N ILE A 341 -34.04 18.11 -13.46
CA ILE A 341 -34.40 18.29 -12.05
C ILE A 341 -35.77 18.95 -11.94
N GLY A 342 -36.09 19.87 -12.86
CA GLY A 342 -37.41 20.46 -12.90
C GLY A 342 -37.73 21.24 -11.64
N GLY B 1 40.18 -10.69 6.21
CA GLY B 1 40.02 -9.29 5.90
C GLY B 1 38.59 -8.94 5.53
N MET B 2 38.07 -9.62 4.50
CA MET B 2 36.67 -9.43 4.12
C MET B 2 35.72 -9.67 5.29
N GLU B 3 36.05 -10.61 6.17
CA GLU B 3 35.17 -10.91 7.30
C GLU B 3 35.25 -9.84 8.39
N ASP B 4 36.20 -8.91 8.30
CA ASP B 4 36.27 -7.83 9.28
C ASP B 4 35.44 -6.64 8.87
N LEU B 5 34.88 -6.66 7.65
CA LEU B 5 34.31 -5.45 7.09
C LEU B 5 33.00 -5.10 7.79
N ILE B 6 32.09 -6.06 7.97
CA ILE B 6 30.85 -5.75 8.67
C ILE B 6 31.14 -5.34 10.11
N PRO B 7 32.03 -6.02 10.85
CA PRO B 7 32.34 -5.52 12.20
C PRO B 7 32.96 -4.15 12.19
N LEU B 8 33.80 -3.87 11.20
CA LEU B 8 34.39 -2.54 11.10
C LEU B 8 33.28 -1.49 10.97
N VAL B 9 32.32 -1.73 10.09
CA VAL B 9 31.27 -0.72 9.96
C VAL B 9 30.39 -0.72 11.21
N ASN B 10 30.33 -1.85 11.94
CA ASN B 10 29.63 -1.83 13.23
C ASN B 10 30.26 -0.82 14.17
N ARG B 11 31.59 -0.77 14.19
CA ARG B 11 32.26 0.19 15.05
C ARG B 11 32.04 1.62 14.59
N LEU B 12 32.02 1.83 13.26
CA LEU B 12 31.64 3.12 12.72
C LEU B 12 30.24 3.51 13.14
N GLN B 13 29.29 2.58 13.02
CA GLN B 13 27.94 2.88 13.46
C GLN B 13 27.87 3.21 14.95
N ASP B 14 28.65 2.50 15.77
CA ASP B 14 28.68 2.82 17.19
C ASP B 14 29.24 4.21 17.43
N ALA B 15 30.36 4.54 16.76
CA ALA B 15 30.97 5.86 16.92
C ALA B 15 29.95 6.95 16.62
N PHE B 16 29.22 6.79 15.51
CA PHE B 16 28.32 7.87 15.16
C PHE B 16 27.04 7.79 15.95
N SER B 17 26.56 6.58 16.29
CA SER B 17 25.35 6.50 17.09
CA SER B 17 25.36 6.50 17.10
C SER B 17 25.59 7.01 18.50
N ALA B 18 26.82 6.85 19.01
CA ALA B 18 27.20 7.42 20.30
C ALA B 18 26.88 8.90 20.38
N ILE B 19 26.92 9.61 19.24
CA ILE B 19 26.56 11.01 19.20
C ILE B 19 25.24 11.23 18.47
N GLY B 20 24.44 10.18 18.30
CA GLY B 20 23.12 10.36 17.77
C GLY B 20 23.10 10.50 16.27
N GLN B 21 24.11 9.98 15.58
CA GLN B 21 24.18 10.19 14.14
C GLN B 21 24.22 8.87 13.38
N ASN B 22 23.77 8.94 12.12
CA ASN B 22 23.98 7.82 11.23
C ASN B 22 23.73 8.26 9.79
N ALA B 23 22.52 8.74 9.51
CA ALA B 23 22.15 8.94 8.12
C ALA B 23 23.11 9.88 7.39
N ASP B 24 23.58 10.91 8.07
CA ASP B 24 24.39 11.93 7.40
C ASP B 24 25.82 11.47 7.08
N LEU B 25 26.26 10.34 7.60
CA LEU B 25 27.60 9.88 7.30
C LEU B 25 27.69 9.00 6.07
N ASP B 26 26.56 8.64 5.44
CA ASP B 26 26.59 7.84 4.22
C ASP B 26 27.40 6.57 4.44
N LEU B 27 27.05 5.84 5.53
CA LEU B 27 27.79 4.63 5.81
C LEU B 27 27.32 3.52 4.88
N PRO B 28 28.19 2.54 4.54
CA PRO B 28 27.72 1.39 3.76
C PRO B 28 26.92 0.49 4.67
N GLN B 29 25.62 0.45 4.43
CA GLN B 29 24.75 -0.32 5.32
C GLN B 29 23.50 -0.66 4.56
N ILE B 30 22.69 -1.54 5.16
CA ILE B 30 21.41 -1.99 4.59
C ILE B 30 20.33 -1.34 5.42
N ALA B 31 19.42 -0.64 4.77
CA ALA B 31 18.25 -0.07 5.46
C ALA B 31 17.06 -0.93 5.10
N VAL B 32 16.26 -1.28 6.08
CA VAL B 32 15.09 -2.12 5.83
C VAL B 32 13.88 -1.25 5.70
N VAL B 33 13.19 -1.32 4.55
CA VAL B 33 12.10 -0.43 4.23
C VAL B 33 10.88 -1.27 3.94
N GLY B 34 9.78 -0.91 4.55
CA GLY B 34 8.55 -1.65 4.24
C GLY B 34 7.34 -0.86 4.69
N GLY B 35 6.21 -1.19 4.08
CA GLY B 35 4.95 -0.78 4.66
C GLY B 35 4.68 -1.50 5.96
N GLN B 36 3.86 -0.88 6.78
CA GLN B 36 3.48 -1.52 8.04
C GLN B 36 2.93 -2.92 7.75
N SER B 37 3.35 -3.85 8.59
CA SER B 37 2.94 -5.25 8.56
C SER B 37 3.44 -6.00 7.34
N ALA B 38 4.44 -5.47 6.63
CA ALA B 38 4.96 -6.18 5.47
C ALA B 38 5.65 -7.47 5.88
N GLY B 39 6.14 -7.54 7.13
CA GLY B 39 6.84 -8.70 7.63
C GLY B 39 8.29 -8.40 7.96
N LYS B 40 8.65 -7.12 8.04
CA LYS B 40 10.01 -6.69 8.37
C LYS B 40 10.51 -7.26 9.70
N SER B 41 9.80 -7.00 10.78
CA SER B 41 10.23 -7.51 12.08
CA SER B 41 10.29 -7.49 12.05
C SER B 41 10.35 -9.01 12.05
N SER B 42 9.42 -9.66 11.35
CA SER B 42 9.44 -11.11 11.30
C SER B 42 10.74 -11.59 10.61
N VAL B 43 11.19 -10.87 9.57
CA VAL B 43 12.45 -11.25 8.93
C VAL B 43 13.60 -11.09 9.90
N LEU B 44 13.62 -9.99 10.66
CA LEU B 44 14.74 -9.76 11.56
C LEU B 44 14.73 -10.76 12.71
N GLU B 45 13.56 -11.05 13.24
CA GLU B 45 13.50 -12.06 14.31
C GLU B 45 13.88 -13.44 13.80
N ASN B 46 13.62 -13.72 12.53
CA ASN B 46 14.06 -14.98 11.95
C ASN B 46 15.57 -15.05 11.93
N PHE B 47 16.24 -13.93 11.63
CA PHE B 47 17.70 -13.96 11.62
C PHE B 47 18.22 -14.24 13.02
N VAL B 48 17.56 -13.67 14.03
CA VAL B 48 18.08 -13.84 15.39
C VAL B 48 17.68 -15.18 15.96
N GLY B 49 16.56 -15.74 15.53
CA GLY B 49 16.03 -16.97 16.12
C GLY B 49 15.24 -16.77 17.39
N ARG B 50 14.99 -15.51 17.77
CA ARG B 50 14.27 -15.14 19.00
C ARG B 50 13.28 -14.04 18.72
N ASP B 51 12.14 -14.09 19.41
CA ASP B 51 11.31 -12.92 19.56
C ASP B 51 12.07 -11.82 20.31
N PHE B 52 12.14 -10.64 19.71
CA PHE B 52 12.81 -9.55 20.43
C PHE B 52 12.39 -8.16 20.01
N LEU B 53 11.56 -8.03 18.99
CA LEU B 53 11.16 -6.73 18.50
C LEU B 53 9.75 -6.40 18.97
N PRO B 54 9.47 -5.12 19.22
CA PRO B 54 8.12 -4.72 19.65
C PRO B 54 7.03 -5.13 18.67
N ARG B 55 5.94 -5.69 19.23
CA ARG B 55 4.79 -6.22 18.49
C ARG B 55 3.50 -5.60 19.00
N GLY B 56 3.13 -4.42 18.50
CA GLY B 56 2.02 -3.73 19.12
C GLY B 56 0.93 -3.25 18.21
N SER B 57 0.06 -2.38 18.74
CA SER B 57 -1.20 -2.05 18.08
C SER B 57 -0.96 -1.35 16.75
N GLY B 58 -0.13 -0.32 16.73
CA GLY B 58 0.09 0.43 15.52
C GLY B 58 1.55 0.57 15.16
N ILE B 59 2.11 1.76 15.43
CA ILE B 59 3.47 2.12 15.02
C ILE B 59 4.40 2.09 16.23
N VAL B 60 5.00 0.92 16.49
CA VAL B 60 5.61 0.67 17.79
C VAL B 60 7.11 0.99 17.85
N THR B 61 7.81 0.97 16.72
CA THR B 61 9.17 1.49 16.65
C THR B 61 9.13 2.80 15.86
N ARG B 62 9.70 3.84 16.44
CA ARG B 62 9.70 5.19 15.89
C ARG B 62 11.09 5.68 15.62
N ARG B 63 12.10 4.87 15.91
CA ARG B 63 13.49 5.20 15.73
C ARG B 63 14.16 4.08 14.93
N PRO B 64 15.13 4.42 14.12
CA PRO B 64 15.93 3.40 13.47
C PRO B 64 16.57 2.49 14.49
N LEU B 65 16.58 1.22 14.19
CA LEU B 65 17.28 0.26 15.00
C LEU B 65 18.45 -0.27 14.18
N VAL B 66 19.67 0.04 14.62
CA VAL B 66 20.87 -0.49 14.00
C VAL B 66 21.12 -1.85 14.64
N LEU B 67 20.74 -2.90 13.94
CA LEU B 67 20.74 -4.25 14.50
C LEU B 67 21.98 -4.93 13.97
N GLN B 68 22.94 -5.16 14.87
CA GLN B 68 24.21 -5.75 14.51
C GLN B 68 24.21 -7.19 15.00
N LEU B 69 24.05 -8.12 14.07
CA LEU B 69 24.13 -9.54 14.38
C LEU B 69 25.59 -9.96 14.25
N VAL B 70 26.16 -10.49 15.33
CA VAL B 70 27.57 -10.81 15.36
C VAL B 70 27.73 -12.25 15.82
N ASN B 71 28.28 -13.09 14.96
CA ASN B 71 28.51 -14.48 15.33
C ASN B 71 29.45 -14.53 16.52
N ALA B 72 29.07 -15.31 17.54
CA ALA B 72 29.85 -15.39 18.76
C ALA B 72 29.59 -16.73 19.42
N THR B 73 30.42 -17.07 20.40
CA THR B 73 30.32 -18.38 21.03
C THR B 73 29.17 -18.44 22.01
N THR B 74 28.80 -17.32 22.60
CA THR B 74 27.62 -17.26 23.47
C THR B 74 26.58 -16.32 22.89
N GLU B 75 25.40 -16.33 23.50
CA GLU B 75 24.25 -15.57 23.04
C GLU B 75 23.91 -14.53 24.09
N TYR B 76 23.91 -13.26 23.68
CA TYR B 76 23.44 -12.18 24.52
C TYR B 76 23.39 -10.90 23.68
N ALA B 77 22.70 -9.90 24.21
CA ALA B 77 22.55 -8.64 23.48
C ALA B 77 23.08 -7.49 24.32
N GLU B 78 23.54 -6.44 23.64
CA GLU B 78 24.02 -5.24 24.31
C GLU B 78 23.48 -4.06 23.54
N PHE B 79 22.99 -3.06 24.26
CA PHE B 79 22.62 -1.81 23.59
C PHE B 79 23.74 -0.81 23.76
N LEU B 80 23.98 -0.01 22.73
CA LEU B 80 24.97 1.03 22.87
C LEU B 80 24.63 2.00 24.01
N HIS B 81 23.36 2.32 24.19
CA HIS B 81 23.00 3.32 25.19
C HIS B 81 23.00 2.76 26.59
N CYS B 82 23.22 1.46 26.73
CA CYS B 82 23.14 0.80 28.04
C CYS B 82 24.42 0.02 28.25
N LYS B 83 25.53 0.74 28.29
CA LYS B 83 26.84 0.11 28.41
C LYS B 83 26.98 -0.60 29.75
N GLY B 84 27.56 -1.78 29.70
CA GLY B 84 27.79 -2.56 30.89
C GLY B 84 26.74 -3.59 31.16
N LYS B 85 25.61 -3.57 30.43
CA LYS B 85 24.53 -4.51 30.68
C LYS B 85 24.50 -5.56 29.58
N LYS B 86 24.45 -6.82 29.98
CA LYS B 86 24.26 -7.93 29.06
C LYS B 86 22.84 -8.43 29.21
N PHE B 87 22.11 -8.48 28.10
CA PHE B 87 20.77 -9.01 28.05
C PHE B 87 20.85 -10.45 27.57
N THR B 88 20.26 -11.37 28.33
CA THR B 88 20.10 -12.74 27.89
C THR B 88 18.64 -13.10 27.67
N ASP B 89 17.73 -12.31 28.17
CA ASP B 89 16.30 -12.52 27.95
C ASP B 89 15.92 -11.63 26.78
N PHE B 90 15.65 -12.22 25.61
CA PHE B 90 15.33 -11.35 24.48
C PHE B 90 13.99 -10.66 24.68
N GLU B 91 13.15 -11.15 25.61
CA GLU B 91 11.96 -10.36 25.90
C GLU B 91 12.32 -9.09 26.64
N GLU B 92 13.38 -9.13 27.45
CA GLU B 92 13.90 -7.92 28.06
C GLU B 92 14.50 -6.98 27.01
N VAL B 93 15.18 -7.56 26.00
CA VAL B 93 15.63 -6.74 24.85
C VAL B 93 14.45 -5.99 24.25
N ARG B 94 13.34 -6.71 24.03
CA ARG B 94 12.17 -6.03 23.49
C ARG B 94 11.73 -4.89 24.38
N LEU B 95 11.67 -5.13 25.69
CA LEU B 95 11.15 -4.07 26.57
C LEU B 95 12.07 -2.87 26.58
N GLU B 96 13.36 -3.13 26.42
CA GLU B 96 14.31 -2.03 26.40
C GLU B 96 14.20 -1.24 25.10
N ILE B 97 13.95 -1.93 23.98
CA ILE B 97 13.67 -1.18 22.76
C ILE B 97 12.44 -0.31 22.96
N GLU B 98 11.39 -0.88 23.56
CA GLU B 98 10.20 -0.08 23.83
C GLU B 98 10.52 1.06 24.78
N ALA B 99 11.24 0.75 25.87
CA ALA B 99 11.54 1.75 26.88
C ALA B 99 12.37 2.86 26.29
N GLU B 100 13.39 2.49 25.52
CA GLU B 100 14.29 3.48 24.98
C GLU B 100 13.59 4.32 23.92
N THR B 101 12.58 3.74 23.23
CA THR B 101 11.81 4.50 22.25
C THR B 101 10.89 5.52 22.94
N ASP B 102 10.25 5.13 24.04
CA ASP B 102 9.34 6.07 24.72
C ASP B 102 10.09 7.15 25.47
N ARG B 103 11.34 6.92 25.80
CA ARG B 103 12.10 7.88 26.55
C ARG B 103 12.64 8.94 25.59
N ILE B 111 8.77 10.88 16.17
CA ILE B 111 9.58 10.09 15.24
C ILE B 111 10.94 10.70 14.90
N SER B 112 12.01 9.94 15.14
CA SER B 112 13.35 10.51 15.11
C SER B 112 14.29 9.66 14.26
N PRO B 113 15.29 10.28 13.63
CA PRO B 113 16.32 9.50 12.95
C PRO B 113 17.41 8.98 13.88
N VAL B 114 17.34 9.29 15.18
CA VAL B 114 18.43 8.96 16.10
C VAL B 114 18.43 7.47 16.39
N PRO B 115 19.52 6.78 16.04
CA PRO B 115 19.50 5.32 16.03
C PRO B 115 19.56 4.77 17.44
N ILE B 116 18.94 3.61 17.60
CA ILE B 116 19.21 2.71 18.71
C ILE B 116 20.13 1.65 18.15
N ASN B 117 21.23 1.41 18.83
CA ASN B 117 22.17 0.40 18.35
C ASN B 117 22.03 -0.83 19.23
N LEU B 118 21.70 -1.95 18.61
CA LEU B 118 21.51 -3.19 19.35
C LEU B 118 22.44 -4.23 18.73
N ARG B 119 23.31 -4.77 19.55
CA ARG B 119 24.23 -5.79 19.09
C ARG B 119 23.79 -7.09 19.70
N VAL B 120 23.60 -8.07 18.85
CA VAL B 120 23.15 -9.39 19.28
C VAL B 120 24.29 -10.34 18.95
N TYR B 121 24.93 -10.86 20.00
CA TYR B 121 26.00 -11.83 19.85
C TYR B 121 25.36 -13.20 19.90
N SER B 122 25.72 -14.05 18.95
CA SER B 122 25.02 -15.32 18.96
C SER B 122 25.76 -16.34 18.11
N PRO B 123 25.80 -17.61 18.53
CA PRO B 123 26.29 -18.67 17.64
C PRO B 123 25.41 -18.94 16.45
N HIS B 124 24.16 -18.45 16.44
CA HIS B 124 23.19 -18.85 15.44
C HIS B 124 23.05 -17.84 14.30
N VAL B 125 23.87 -16.80 14.28
CA VAL B 125 23.77 -15.75 13.28
C VAL B 125 25.03 -15.74 12.45
N LEU B 126 24.89 -15.28 11.21
CA LEU B 126 26.01 -14.78 10.45
C LEU B 126 26.21 -13.32 10.80
N ASN B 127 27.40 -12.82 10.56
CA ASN B 127 27.64 -11.40 10.65
C ASN B 127 26.73 -10.67 9.69
N LEU B 128 25.87 -9.81 10.21
CA LEU B 128 24.99 -9.06 9.34
C LEU B 128 24.45 -7.91 10.15
N THR B 129 24.42 -6.74 9.55
CA THR B 129 23.87 -5.60 10.23
C THR B 129 22.80 -5.04 9.31
N LEU B 130 21.68 -4.69 9.91
CA LEU B 130 20.58 -4.06 9.20
C LEU B 130 20.12 -2.87 9.99
N VAL B 131 19.76 -1.82 9.29
CA VAL B 131 19.17 -0.65 9.91
C VAL B 131 17.67 -0.76 9.68
N ASP B 132 16.97 -1.21 10.70
CA ASP B 132 15.52 -1.36 10.60
C ASP B 132 14.88 0.01 10.72
N LEU B 133 14.13 0.41 9.67
CA LEU B 133 13.45 1.71 9.70
C LEU B 133 11.94 1.52 9.92
N PRO B 134 11.29 2.44 10.61
CA PRO B 134 9.84 2.31 10.87
C PRO B 134 9.04 2.06 9.61
N GLY B 135 8.02 1.23 9.72
CA GLY B 135 7.24 0.89 8.55
C GLY B 135 6.41 2.06 8.06
N MET B 136 6.26 2.15 6.73
CA MET B 136 5.47 3.21 6.13
C MET B 136 3.99 2.96 6.40
N THR B 137 3.22 4.03 6.34
CA THR B 137 1.81 3.95 6.60
C THR B 137 1.10 4.95 5.71
N LYS B 138 -0.21 4.83 5.63
CA LYS B 138 -1.00 5.76 4.80
C LYS B 138 -2.12 6.42 5.60
N VAL B 139 -2.75 5.67 6.49
CA VAL B 139 -3.92 6.14 7.23
C VAL B 139 -3.50 6.34 8.69
N PRO B 140 -3.49 7.58 9.20
CA PRO B 140 -3.20 7.77 10.63
C PRO B 140 -4.26 7.06 11.45
N VAL B 141 -3.80 6.33 12.44
CA VAL B 141 -4.68 5.58 13.32
C VAL B 141 -4.57 6.13 14.73
N GLY B 142 -5.69 6.12 15.45
CA GLY B 142 -5.64 6.53 16.84
C GLY B 142 -5.18 7.97 16.97
N ASP B 143 -4.24 8.18 17.88
CA ASP B 143 -3.68 9.48 18.19
C ASP B 143 -2.45 9.74 17.40
N GLN B 144 -2.23 9.01 16.30
CA GLN B 144 -1.11 9.38 15.47
C GLN B 144 -1.33 10.75 14.86
N PRO B 145 -0.25 11.51 14.65
CA PRO B 145 -0.38 12.79 13.99
C PRO B 145 -0.82 12.62 12.54
N PRO B 146 -1.51 13.61 12.00
CA PRO B 146 -2.13 13.48 10.67
C PRO B 146 -1.10 13.36 9.57
N ASP B 147 0.12 13.79 9.82
CA ASP B 147 1.21 13.71 8.86
C ASP B 147 2.14 12.56 9.17
N ILE B 148 1.68 11.57 9.92
CA ILE B 148 2.58 10.51 10.33
C ILE B 148 3.19 9.82 9.12
N GLU B 149 2.43 9.68 8.03
CA GLU B 149 2.98 9.03 6.84
C GLU B 149 4.24 9.73 6.41
N PHE B 150 4.19 11.07 6.42
CA PHE B 150 5.28 11.84 5.85
C PHE B 150 6.42 12.00 6.86
N GLN B 151 6.13 11.98 8.15
CA GLN B 151 7.21 11.90 9.14
C GLN B 151 8.03 10.65 8.94
N ILE B 152 7.34 9.51 8.79
CA ILE B 152 8.03 8.26 8.59
C ILE B 152 8.77 8.30 7.26
N ARG B 153 8.09 8.73 6.18
CA ARG B 153 8.71 8.67 4.86
C ARG B 153 9.92 9.59 4.81
N ASP B 154 9.80 10.79 5.36
CA ASP B 154 10.95 11.71 5.32
C ASP B 154 12.12 11.16 6.09
N MET B 155 11.85 10.51 7.22
CA MET B 155 12.94 9.92 8.00
C MET B 155 13.60 8.80 7.22
N LEU B 156 12.80 7.88 6.65
CA LEU B 156 13.38 6.84 5.78
C LEU B 156 14.24 7.47 4.67
N MET B 157 13.74 8.53 4.06
CA MET B 157 14.46 9.15 2.96
C MET B 157 15.83 9.64 3.39
N GLN B 158 15.99 10.08 4.66
CA GLN B 158 17.30 10.54 5.11
C GLN B 158 18.33 9.42 4.98
N PHE B 159 17.89 8.18 5.22
CA PHE B 159 18.77 7.02 5.08
C PHE B 159 18.93 6.62 3.63
N VAL B 160 17.81 6.43 2.90
CA VAL B 160 17.94 5.72 1.62
C VAL B 160 18.30 6.62 0.45
N THR B 161 18.26 7.94 0.62
CA THR B 161 18.81 8.81 -0.41
C THR B 161 20.33 8.75 -0.44
N LYS B 162 20.97 8.16 0.56
CA LYS B 162 22.42 8.09 0.62
C LYS B 162 22.88 6.98 -0.31
N GLU B 163 23.84 7.29 -1.20
CA GLU B 163 24.20 6.31 -2.23
C GLU B 163 24.80 5.04 -1.68
N ASN B 164 25.36 5.04 -0.47
CA ASN B 164 25.89 3.83 0.12
C ASN B 164 24.86 3.04 0.88
N CYS B 165 23.60 3.42 0.81
CA CYS B 165 22.57 2.70 1.53
C CYS B 165 22.00 1.63 0.60
N LEU B 166 22.22 0.36 0.91
CA LEU B 166 21.48 -0.66 0.21
C LEU B 166 20.10 -0.64 0.80
N ILE B 167 19.12 -0.95 -0.02
CA ILE B 167 17.74 -0.85 0.42
C ILE B 167 17.17 -2.23 0.38
N LEU B 168 16.81 -2.76 1.56
CA LEU B 168 16.13 -4.04 1.61
C LEU B 168 14.64 -3.73 1.63
N ALA B 169 13.98 -3.89 0.46
CA ALA B 169 12.61 -3.43 0.27
C ALA B 169 11.69 -4.63 0.49
N VAL B 170 10.91 -4.59 1.56
CA VAL B 170 10.13 -5.76 1.98
C VAL B 170 8.67 -5.53 1.56
N SER B 171 8.10 -6.45 0.78
CA SER B 171 6.71 -6.29 0.35
C SER B 171 6.03 -7.63 0.49
N PRO B 172 4.79 -7.64 0.91
CA PRO B 172 4.05 -8.91 1.06
C PRO B 172 3.48 -9.36 -0.27
N ALA B 173 3.54 -10.68 -0.50
CA ALA B 173 3.11 -11.21 -1.79
C ALA B 173 1.61 -11.13 -2.01
N ASN B 174 0.84 -11.03 -0.93
CA ASN B 174 -0.61 -11.00 -1.05
C ASN B 174 -1.10 -9.57 -1.23
N SER B 175 -0.26 -8.76 -1.80
CA SER B 175 -0.62 -7.43 -2.24
CA SER B 175 -0.60 -7.42 -2.24
C SER B 175 -0.06 -7.29 -3.64
N ASP B 176 -0.61 -6.35 -4.39
CA ASP B 176 -0.11 -6.03 -5.71
C ASP B 176 1.29 -5.41 -5.59
N LEU B 177 2.30 -5.98 -6.26
CA LEU B 177 3.67 -5.48 -6.09
C LEU B 177 3.77 -4.05 -6.57
N ALA B 178 2.99 -3.73 -7.58
CA ALA B 178 3.06 -2.37 -8.12
C ALA B 178 2.42 -1.39 -7.14
N ASN B 179 1.79 -1.90 -6.08
CA ASN B 179 1.30 -1.11 -4.96
C ASN B 179 2.26 -1.00 -3.80
N SER B 180 3.49 -1.46 -3.95
CA SER B 180 4.41 -1.49 -2.83
C SER B 180 5.00 -0.12 -2.56
N ASP B 181 4.68 0.47 -1.41
CA ASP B 181 5.37 1.71 -1.08
C ASP B 181 6.86 1.46 -0.86
N ALA B 182 7.26 0.24 -0.47
CA ALA B 182 8.69 -0.05 -0.31
C ALA B 182 9.40 0.00 -1.65
N LEU B 183 8.81 -0.57 -2.69
CA LEU B 183 9.50 -0.54 -3.97
C LEU B 183 9.40 0.83 -4.60
N LYS B 184 8.36 1.58 -4.25
CA LYS B 184 8.23 2.94 -4.78
C LYS B 184 9.30 3.82 -4.19
N VAL B 185 9.53 3.70 -2.87
CA VAL B 185 10.61 4.48 -2.25
C VAL B 185 11.92 4.13 -2.92
N ALA B 186 12.15 2.83 -3.12
CA ALA B 186 13.44 2.43 -3.69
C ALA B 186 13.58 2.96 -5.10
N LYS B 187 12.52 2.87 -5.89
CA LYS B 187 12.58 3.39 -7.26
C LYS B 187 12.84 4.89 -7.27
N GLU B 188 12.31 5.60 -6.28
CA GLU B 188 12.46 7.05 -6.26
C GLU B 188 13.90 7.45 -6.08
N VAL B 189 14.64 6.71 -5.25
CA VAL B 189 16.03 7.08 -4.97
C VAL B 189 17.00 6.23 -5.76
N ASP B 190 16.55 5.12 -6.30
CA ASP B 190 17.40 4.15 -6.98
C ASP B 190 16.65 3.71 -8.23
N PRO B 191 16.49 4.63 -9.19
CA PRO B 191 15.64 4.35 -10.34
C PRO B 191 16.14 3.24 -11.21
N GLN B 192 17.45 3.03 -11.29
CA GLN B 192 17.94 1.94 -12.10
C GLN B 192 18.06 0.66 -11.30
N GLY B 193 17.60 0.68 -10.05
CA GLY B 193 17.46 -0.58 -9.33
C GLY B 193 18.80 -1.21 -9.03
N GLN B 194 19.82 -0.39 -8.71
CA GLN B 194 21.16 -0.92 -8.58
C GLN B 194 21.51 -1.22 -7.13
N ARG B 195 20.75 -0.68 -6.17
CA ARG B 195 21.12 -0.90 -4.78
C ARG B 195 19.91 -1.28 -3.95
N THR B 196 18.93 -1.90 -4.60
CA THR B 196 17.71 -2.37 -3.91
C THR B 196 17.64 -3.86 -4.01
N ILE B 197 17.34 -4.49 -2.87
CA ILE B 197 17.18 -5.92 -2.82
C ILE B 197 15.75 -6.16 -2.39
N GLY B 198 14.97 -6.90 -3.19
CA GLY B 198 13.56 -7.12 -2.85
C GLY B 198 13.38 -8.36 -1.96
N VAL B 199 12.55 -8.23 -0.95
CA VAL B 199 12.14 -9.38 -0.15
C VAL B 199 10.63 -9.47 -0.31
N ILE B 200 10.12 -10.66 -0.66
CA ILE B 200 8.69 -10.87 -0.84
C ILE B 200 8.27 -11.82 0.27
N THR B 201 7.45 -11.32 1.20
CA THR B 201 6.99 -12.13 2.33
C THR B 201 5.60 -12.66 1.99
N LYS B 202 5.04 -13.47 2.91
CA LYS B 202 3.65 -13.87 2.86
C LYS B 202 3.27 -14.62 1.59
N LEU B 203 4.21 -15.33 1.01
CA LEU B 203 3.90 -16.11 -0.18
C LEU B 203 2.92 -17.21 0.11
N ASP B 204 2.87 -17.64 1.38
CA ASP B 204 1.90 -18.66 1.80
C ASP B 204 0.49 -18.16 1.79
N LEU B 205 0.29 -16.85 1.69
CA LEU B 205 -1.02 -16.26 1.83
C LEU B 205 -1.59 -15.82 0.48
N MET B 206 -0.91 -16.10 -0.63
CA MET B 206 -1.49 -15.69 -1.92
C MET B 206 -2.80 -16.40 -2.23
N ASP B 207 -3.71 -15.64 -2.86
CA ASP B 207 -4.97 -16.17 -3.36
C ASP B 207 -4.74 -17.41 -4.24
N GLU B 208 -5.59 -18.41 -4.08
CA GLU B 208 -5.55 -19.58 -4.96
CA GLU B 208 -5.50 -19.57 -4.95
C GLU B 208 -5.66 -19.14 -6.40
N GLY B 209 -4.88 -19.78 -7.27
CA GLY B 209 -4.84 -19.41 -8.67
C GLY B 209 -3.86 -18.31 -8.99
N THR B 210 -3.08 -17.84 -8.01
CA THR B 210 -2.11 -16.80 -8.25
C THR B 210 -0.77 -17.21 -7.67
N ASP B 211 0.26 -16.50 -8.11
CA ASP B 211 1.57 -16.69 -7.55
C ASP B 211 2.39 -15.45 -7.86
N ALA B 212 3.56 -15.40 -7.28
CA ALA B 212 4.45 -14.23 -7.42
C ALA B 212 5.66 -14.61 -8.25
N ARG B 213 5.46 -15.58 -9.14
CA ARG B 213 6.60 -16.07 -9.90
C ARG B 213 7.23 -14.97 -10.74
N ASP B 214 6.42 -14.13 -11.37
CA ASP B 214 7.00 -13.11 -12.22
CA ASP B 214 6.97 -13.07 -12.21
C ASP B 214 7.81 -12.09 -11.41
N VAL B 215 7.41 -11.85 -10.16
CA VAL B 215 8.23 -10.99 -9.31
C VAL B 215 9.53 -11.67 -8.94
N LEU B 216 9.43 -12.90 -8.48
CA LEU B 216 10.58 -13.61 -7.94
C LEU B 216 11.55 -13.95 -9.03
N GLU B 217 11.09 -14.06 -10.28
CA GLU B 217 11.98 -14.28 -11.41
C GLU B 217 12.60 -12.98 -11.90
N ASN B 218 12.35 -11.86 -11.20
CA ASN B 218 12.96 -10.59 -11.54
C ASN B 218 12.44 -10.03 -12.86
N LYS B 219 11.20 -10.36 -13.21
CA LYS B 219 10.63 -9.95 -14.49
C LYS B 219 9.67 -8.78 -14.38
N LEU B 220 8.86 -8.77 -13.33
CA LEU B 220 7.81 -7.76 -13.29
C LEU B 220 8.37 -6.37 -13.02
N LEU B 221 9.24 -6.26 -12.03
CA LEU B 221 9.92 -5.01 -11.68
C LEU B 221 11.39 -5.31 -11.41
N PRO B 222 12.18 -5.42 -12.47
CA PRO B 222 13.53 -5.98 -12.31
C PRO B 222 14.37 -5.13 -11.37
N LEU B 223 15.14 -5.80 -10.55
CA LEU B 223 16.17 -5.17 -9.75
C LEU B 223 17.48 -5.86 -10.03
N ARG B 224 18.58 -5.11 -10.10
CA ARG B 224 19.85 -5.76 -10.37
C ARG B 224 20.11 -6.88 -9.39
N ARG B 225 19.80 -6.64 -8.12
CA ARG B 225 20.06 -7.64 -7.09
C ARG B 225 18.90 -8.62 -6.93
N GLY B 226 17.78 -8.40 -7.62
CA GLY B 226 16.71 -9.39 -7.63
C GLY B 226 15.88 -9.40 -6.35
N TYR B 227 15.11 -10.46 -6.22
CA TYR B 227 14.11 -10.61 -5.16
C TYR B 227 14.33 -11.95 -4.47
N ILE B 228 14.08 -11.98 -3.17
CA ILE B 228 14.12 -13.20 -2.38
C ILE B 228 12.79 -13.33 -1.69
N GLY B 229 12.15 -14.47 -1.88
CA GLY B 229 10.88 -14.73 -1.22
C GLY B 229 11.11 -15.43 0.12
N VAL B 230 10.27 -15.14 1.10
CA VAL B 230 10.36 -15.80 2.40
C VAL B 230 8.94 -16.16 2.85
N VAL B 231 8.86 -17.13 3.76
CA VAL B 231 7.57 -17.48 4.42
C VAL B 231 7.83 -17.44 5.92
N ASN B 232 7.30 -16.41 6.58
CA ASN B 232 7.49 -16.25 8.01
C ASN B 232 6.32 -16.86 8.78
N ARG B 233 6.40 -16.81 10.12
CA ARG B 233 5.31 -17.30 10.96
C ARG B 233 4.06 -16.46 10.78
N SER B 234 2.92 -17.14 10.70
CA SER B 234 1.65 -16.45 10.75
C SER B 234 1.40 -15.89 12.13
N GLN B 235 0.35 -15.05 12.23
CA GLN B 235 0.05 -14.49 13.54
C GLN B 235 -0.29 -15.62 14.51
N LYS B 236 -1.04 -16.59 14.04
CA LYS B 236 -1.33 -17.78 14.83
C LYS B 236 -0.06 -18.42 15.35
N ASP B 237 0.93 -18.61 14.46
CA ASP B 237 2.22 -19.19 14.86
C ASP B 237 2.94 -18.32 15.89
N ILE B 238 2.91 -17.00 15.72
CA ILE B 238 3.54 -16.14 16.72
C ILE B 238 2.86 -16.28 18.07
N ASP B 239 1.54 -16.19 18.08
CA ASP B 239 0.82 -16.32 19.37
C ASP B 239 0.97 -17.70 19.96
N GLY B 240 1.15 -18.71 19.13
CA GLY B 240 1.37 -20.06 19.61
C GLY B 240 2.81 -20.37 19.96
N LYS B 241 3.71 -19.40 19.84
CA LYS B 241 5.12 -19.57 20.19
C LYS B 241 5.77 -20.64 19.35
N LYS B 242 5.36 -20.74 18.08
CA LYS B 242 6.02 -21.68 17.17
C LYS B 242 7.50 -21.36 17.11
N ASP B 243 8.35 -22.38 17.21
CA ASP B 243 9.79 -22.16 17.20
CA ASP B 243 9.78 -22.10 17.22
C ASP B 243 10.25 -21.70 15.83
N ILE B 244 11.29 -20.85 15.80
CA ILE B 244 11.72 -20.36 14.50
C ILE B 244 12.29 -21.50 13.65
N THR B 245 12.90 -22.52 14.25
CA THR B 245 13.38 -23.63 13.40
C THR B 245 12.22 -24.40 12.77
N ALA B 246 11.10 -24.53 13.48
CA ALA B 246 9.92 -25.12 12.85
C ALA B 246 9.43 -24.23 11.70
N ALA B 247 9.48 -22.93 11.92
CA ALA B 247 9.07 -22.01 10.85
C ALA B 247 10.00 -22.12 9.64
N LEU B 248 11.31 -22.22 9.89
CA LEU B 248 12.26 -22.32 8.80
C LEU B 248 12.06 -23.62 8.02
N ALA B 249 11.76 -24.70 8.71
CA ALA B 249 11.46 -25.94 8.00
C ALA B 249 10.20 -25.81 7.15
N ALA B 250 9.16 -25.16 7.68
CA ALA B 250 7.93 -25.02 6.92
C ALA B 250 8.20 -24.18 5.69
N GLU B 251 9.06 -23.18 5.83
CA GLU B 251 9.39 -22.32 4.70
C GLU B 251 10.11 -23.11 3.61
N ARG B 252 11.09 -23.92 4.01
CA ARG B 252 11.80 -24.73 3.03
C ARG B 252 10.85 -25.68 2.31
N LYS B 253 9.97 -26.33 3.06
CA LYS B 253 9.03 -27.25 2.45
C LYS B 253 8.11 -26.53 1.48
N PHE B 254 7.72 -25.31 1.83
CA PHE B 254 6.89 -24.50 0.94
C PHE B 254 7.58 -24.26 -0.39
N PHE B 255 8.85 -23.84 -0.36
CA PHE B 255 9.50 -23.49 -1.63
C PHE B 255 9.79 -24.73 -2.47
N LEU B 256 10.08 -25.84 -1.82
CA LEU B 256 10.34 -27.06 -2.58
C LEU B 256 9.06 -27.65 -3.17
N SER B 257 7.90 -27.37 -2.58
CA SER B 257 6.66 -27.99 -3.01
CA SER B 257 6.67 -28.00 -3.05
C SER B 257 5.82 -27.09 -3.92
N HIS B 258 6.08 -25.79 -3.94
CA HIS B 258 5.18 -24.94 -4.69
C HIS B 258 5.54 -25.01 -6.16
N PRO B 259 4.62 -25.36 -7.04
CA PRO B 259 4.97 -25.54 -8.45
C PRO B 259 5.38 -24.27 -9.15
N SER B 260 5.05 -23.08 -8.60
CA SER B 260 5.48 -21.84 -9.21
C SER B 260 6.83 -21.37 -8.73
N TYR B 261 7.40 -21.96 -7.66
CA TYR B 261 8.65 -21.48 -7.07
C TYR B 261 9.74 -22.52 -6.95
N ARG B 262 9.41 -23.81 -7.08
CA ARG B 262 10.38 -24.83 -6.67
C ARG B 262 11.64 -24.81 -7.53
N HIS B 263 11.54 -24.29 -8.75
CA HIS B 263 12.76 -24.14 -9.55
C HIS B 263 13.68 -23.07 -9.01
N LEU B 264 13.17 -22.18 -8.14
CA LEU B 264 13.94 -21.14 -7.52
C LEU B 264 14.33 -21.45 -6.09
N ALA B 265 13.95 -22.64 -5.58
CA ALA B 265 13.91 -22.84 -4.12
C ALA B 265 15.25 -22.57 -3.44
N ASP B 266 16.36 -22.88 -4.10
CA ASP B 266 17.65 -22.72 -3.42
C ASP B 266 18.11 -21.28 -3.37
N ARG B 267 17.42 -20.38 -4.05
CA ARG B 267 17.66 -18.95 -3.96
C ARG B 267 16.43 -18.28 -3.36
N MET B 268 15.73 -19.00 -2.49
CA MET B 268 14.55 -18.50 -1.77
C MET B 268 14.70 -18.86 -0.30
N GLY B 269 13.99 -18.12 0.55
CA GLY B 269 13.93 -18.48 1.95
C GLY B 269 14.89 -17.66 2.81
N THR B 270 14.68 -17.78 4.11
CA THR B 270 15.35 -16.86 5.01
C THR B 270 16.82 -17.20 5.21
N PRO B 271 17.22 -18.47 5.28
CA PRO B 271 18.68 -18.75 5.32
C PRO B 271 19.43 -18.20 4.12
N TYR B 272 18.86 -18.40 2.92
CA TYR B 272 19.45 -17.85 1.71
C TYR B 272 19.50 -16.34 1.79
N LEU B 273 18.42 -15.71 2.23
CA LEU B 273 18.45 -14.25 2.34
C LEU B 273 19.55 -13.79 3.29
N GLN B 274 19.71 -14.46 4.46
CA GLN B 274 20.75 -14.02 5.40
C GLN B 274 22.11 -14.14 4.75
N LYS B 275 22.30 -15.24 4.02
CA LYS B 275 23.55 -15.48 3.31
C LYS B 275 23.81 -14.41 2.27
N VAL B 276 22.84 -14.14 1.38
CA VAL B 276 23.12 -13.18 0.33
C VAL B 276 23.27 -11.78 0.91
N LEU B 277 22.59 -11.47 2.00
CA LEU B 277 22.76 -10.13 2.57
C LEU B 277 24.14 -9.96 3.19
N ASN B 278 24.61 -11.00 3.90
CA ASN B 278 25.96 -10.93 4.44
C ASN B 278 26.98 -10.74 3.30
N GLN B 279 26.79 -11.47 2.19
CA GLN B 279 27.73 -11.37 1.07
C GLN B 279 27.64 -10.01 0.38
N GLN B 280 26.42 -9.56 0.08
CA GLN B 280 26.33 -8.30 -0.63
C GLN B 280 26.76 -7.15 0.26
N LEU B 281 26.46 -7.21 1.57
CA LEU B 281 26.89 -6.12 2.45
C LEU B 281 28.41 -6.07 2.54
N THR B 282 29.05 -7.23 2.68
CA THR B 282 30.51 -7.25 2.73
C THR B 282 31.11 -6.67 1.45
N ASN B 283 30.66 -7.16 0.28
CA ASN B 283 31.18 -6.63 -0.99
C ASN B 283 30.92 -5.13 -1.08
N HIS B 284 29.78 -4.69 -0.60
CA HIS B 284 29.41 -3.29 -0.71
C HIS B 284 30.33 -2.42 0.14
N ILE B 285 30.57 -2.85 1.38
CA ILE B 285 31.51 -2.16 2.25
C ILE B 285 32.87 -2.13 1.58
N ARG B 286 33.33 -3.28 1.07
CA ARG B 286 34.62 -3.30 0.38
C ARG B 286 34.69 -2.26 -0.71
N ASP B 287 33.64 -2.15 -1.50
CA ASP B 287 33.62 -1.24 -2.64
C ASP B 287 33.54 0.21 -2.23
N THR B 288 32.89 0.52 -1.11
CA THR B 288 32.62 1.90 -0.78
C THR B 288 33.53 2.44 0.32
N LEU B 289 34.25 1.59 1.06
CA LEU B 289 35.04 2.09 2.17
C LEU B 289 36.13 3.08 1.76
N PRO B 290 36.82 2.92 0.64
CA PRO B 290 37.83 3.94 0.31
C PRO B 290 37.23 5.31 0.07
N GLY B 291 36.11 5.38 -0.65
CA GLY B 291 35.48 6.68 -0.88
C GLY B 291 34.95 7.25 0.43
N LEU B 292 34.38 6.40 1.26
CA LEU B 292 33.86 6.86 2.54
C LEU B 292 34.97 7.47 3.36
N ARG B 293 36.09 6.76 3.46
CA ARG B 293 37.25 7.28 4.18
C ARG B 293 37.61 8.68 3.68
N ASN B 294 37.68 8.86 2.36
CA ASN B 294 38.02 10.19 1.85
C ASN B 294 36.92 11.21 2.18
N LYS B 295 35.65 10.80 2.11
CA LYS B 295 34.59 11.71 2.47
CA LYS B 295 34.61 11.73 2.46
C LYS B 295 34.69 12.11 3.94
N LEU B 296 34.94 11.11 4.81
CA LEU B 296 35.00 11.42 6.23
C LEU B 296 36.15 12.35 6.52
N GLN B 297 37.27 12.11 5.85
CA GLN B 297 38.41 13.00 6.02
C GLN B 297 38.06 14.44 5.65
N SER B 298 37.39 14.64 4.52
CA SER B 298 36.96 16.00 4.17
C SER B 298 35.97 16.54 5.19
N GLN B 299 35.03 15.71 5.66
CA GLN B 299 34.13 16.17 6.70
C GLN B 299 34.90 16.55 7.96
N LEU B 300 35.97 15.83 8.25
CA LEU B 300 36.75 16.15 9.44
C LEU B 300 37.33 17.56 9.34
N LEU B 301 38.00 17.84 8.22
CA LEU B 301 38.64 19.15 8.06
C LEU B 301 37.61 20.26 8.08
N SER B 302 36.49 20.06 7.39
CA SER B 302 35.41 21.02 7.41
C SER B 302 34.98 21.34 8.84
N ILE B 303 34.73 20.28 9.64
CA ILE B 303 34.32 20.47 11.03
C ILE B 303 35.39 21.21 11.81
N GLU B 304 36.66 20.85 11.61
CA GLU B 304 37.75 21.60 12.26
C GLU B 304 37.61 23.09 12.01
N LYS B 305 37.32 23.46 10.76
CA LYS B 305 37.31 24.87 10.40
C LYS B 305 36.12 25.60 11.00
N GLU B 306 34.94 24.95 11.02
CA GLU B 306 33.81 25.60 11.68
C GLU B 306 33.94 25.59 13.19
N VAL B 307 34.72 24.66 13.76
CA VAL B 307 35.05 24.73 15.19
C VAL B 307 35.98 25.91 15.45
N GLU B 308 37.03 26.05 14.65
CA GLU B 308 37.90 27.21 14.75
C GLU B 308 37.12 28.48 14.44
N GLU B 309 36.03 28.35 13.67
CA GLU B 309 35.20 29.47 13.26
C GLU B 309 34.59 30.21 14.45
N TYR B 310 34.42 29.52 15.57
CA TYR B 310 33.59 30.04 16.65
C TYR B 310 34.41 30.24 17.92
N LYS B 311 34.71 31.51 18.20
CA LYS B 311 35.14 32.00 19.50
C LYS B 311 34.10 33.01 20.01
N ASN B 312 32.84 32.81 19.61
CA ASN B 312 31.75 33.72 19.97
C ASN B 312 31.32 33.54 21.43
N ASP B 321 28.58 27.36 24.53
CA ASP B 321 29.37 26.64 23.55
C ASP B 321 28.76 25.27 23.24
N SER B 322 27.44 25.16 23.45
CA SER B 322 26.79 23.87 23.28
C SER B 322 26.94 23.34 21.86
N ARG B 323 26.86 24.22 20.86
CA ARG B 323 27.06 23.78 19.48
C ARG B 323 28.50 23.40 19.21
N VAL B 324 29.44 24.07 19.87
CA VAL B 324 30.83 23.65 19.72
C VAL B 324 31.02 22.29 20.38
N ASP B 325 30.23 22.00 21.42
CA ASP B 325 30.23 20.65 21.97
C ASP B 325 29.69 19.66 20.96
N GLU B 326 28.70 20.07 20.16
CA GLU B 326 28.13 19.17 19.16
C GLU B 326 29.10 18.97 18.00
N MET B 327 29.68 20.06 17.49
CA MET B 327 30.67 19.90 16.44
C MET B 327 31.85 19.09 16.93
N LEU B 328 32.29 19.35 18.17
CA LEU B 328 33.37 18.55 18.70
C LEU B 328 32.96 17.09 18.80
N ARG B 329 31.70 16.83 19.15
CA ARG B 329 31.24 15.45 19.19
C ARG B 329 31.40 14.80 17.82
N MET B 330 31.02 15.53 16.76
CA MET B 330 31.21 15.03 15.40
C MET B 330 32.69 14.92 15.06
N TYR B 331 33.47 15.95 15.41
CA TYR B 331 34.92 15.88 15.21
C TYR B 331 35.50 14.62 15.83
N HIS B 332 35.18 14.33 17.11
CA HIS B 332 35.84 13.18 17.71
C HIS B 332 35.34 11.88 17.11
N ALA B 333 34.04 11.84 16.78
CA ALA B 333 33.49 10.66 16.12
C ALA B 333 34.14 10.42 14.77
N LEU B 334 34.34 11.51 14.01
CA LEU B 334 35.04 11.39 12.72
C LEU B 334 36.46 10.88 12.90
N LYS B 335 37.18 11.42 13.90
CA LYS B 335 38.53 10.93 14.13
C LYS B 335 38.52 9.47 14.53
N GLU B 336 37.55 9.08 15.36
CA GLU B 336 37.42 7.67 15.74
C GLU B 336 37.16 6.83 14.50
N ALA B 337 36.26 7.31 13.63
CA ALA B 337 35.93 6.57 12.41
C ALA B 337 37.16 6.39 11.54
N LEU B 338 37.93 7.46 11.33
CA LEU B 338 39.09 7.36 10.47
C LEU B 338 40.13 6.42 11.05
N SER B 339 40.24 6.43 12.38
CA SER B 339 41.10 5.46 13.06
CA SER B 339 41.09 5.46 13.07
C SER B 339 40.59 4.04 12.85
N ILE B 340 39.29 3.83 13.02
CA ILE B 340 38.70 2.53 12.74
C ILE B 340 39.02 2.09 11.32
N ILE B 341 38.80 2.98 10.34
CA ILE B 341 39.01 2.55 8.97
C ILE B 341 40.49 2.32 8.72
N GLY B 342 41.34 3.12 9.36
CA GLY B 342 42.77 3.03 9.14
C GLY B 342 43.34 1.66 9.42
N ASP B 343 42.78 0.94 10.39
CA ASP B 343 43.27 -0.38 10.77
C ASP B 343 43.27 -1.36 9.60
PB GDP C . -9.66 -4.51 -8.88
O1B GDP C . -9.78 -3.67 -7.67
O2B GDP C . -10.85 -4.33 -9.76
O3B GDP C . -8.33 -4.22 -9.57
O3A GDP C . -9.59 -6.03 -8.31
PA GDP C . -10.40 -7.32 -8.89
O1A GDP C . -10.06 -7.59 -10.34
O2A GDP C . -11.87 -7.24 -8.48
O5' GDP C . -9.70 -8.34 -7.91
C5' GDP C . -8.32 -8.63 -7.99
C4' GDP C . -7.98 -10.06 -7.73
O4' GDP C . -8.42 -10.35 -6.38
C3' GDP C . -8.62 -11.09 -8.67
O3' GDP C . -7.59 -12.06 -8.86
C2' GDP C . -9.82 -11.52 -7.86
O2' GDP C . -10.18 -12.83 -8.27
C1' GDP C . -9.29 -11.51 -6.45
N9 GDP C . -10.33 -11.19 -5.48
C8 GDP C . -11.11 -10.09 -5.46
N7 GDP C . -11.88 -10.13 -4.35
C5 GDP C . -11.61 -11.26 -3.68
C6 GDP C . -12.10 -11.91 -2.45
O6 GDP C . -12.95 -11.38 -1.70
N1 GDP C . -11.51 -13.08 -2.12
C2 GDP C . -10.57 -13.70 -2.87
N2 GDP C . -10.07 -14.87 -2.47
N3 GDP C . -10.06 -13.13 -3.99
C4 GDP C . -10.57 -11.96 -4.40
C1 EDO D . -9.40 -6.57 -13.13
O1 EDO D . -9.33 -5.28 -12.49
C2 EDO D . -8.22 -7.46 -12.65
O2 EDO D . -7.64 -6.86 -11.46
PB GDP E . 6.26 -5.48 10.17
O1B GDP E . 7.43 -5.62 11.10
O2B GDP E . 6.70 -5.20 8.75
O3B GDP E . 5.31 -4.42 10.70
O3A GDP E . 5.46 -6.89 10.14
PA GDP E . 5.61 -8.20 11.08
O1A GDP E . 6.88 -9.12 10.91
O2A GDP E . 5.24 -7.80 12.52
O5' GDP E . 4.41 -9.02 10.46
C5' GDP E . 3.07 -8.50 10.35
C4' GDP E . 2.09 -9.64 10.46
O4' GDP E . 2.27 -10.47 9.30
C3' GDP E . 2.35 -10.54 11.66
O3' GDP E . 1.03 -10.92 12.09
C2' GDP E . 3.13 -11.74 11.14
O2' GDP E . 2.83 -12.94 11.87
C1' GDP E . 2.55 -11.82 9.75
N9 GDP E . 3.48 -12.34 8.77
C8 GDP E . 4.69 -11.80 8.45
N7 GDP E . 5.25 -12.50 7.47
C5 GDP E . 4.43 -13.53 7.19
C6 GDP E . 4.46 -14.61 6.21
O6 GDP E . 5.47 -14.73 5.47
N1 GDP E . 3.43 -15.45 6.22
C2 GDP E . 2.35 -15.28 7.03
N2 GDP E . 1.28 -16.13 7.02
N3 GDP E . 2.22 -14.27 7.94
C4 GDP E . 3.25 -13.39 8.02
C1 EDO F . -0.58 -19.57 -1.68
O1 EDO F . -1.43 -19.67 -2.84
C2 EDO F . -0.09 -20.94 -1.24
O2 EDO F . 0.66 -21.46 -2.33
#